data_4PUC
#
_entry.id   4PUC
#
_cell.length_a   66.540
_cell.length_b   112.190
_cell.length_c   150.080
_cell.angle_alpha   90.000
_cell.angle_beta   90.000
_cell.angle_gamma   90.000
#
_symmetry.space_group_name_H-M   'P 21 21 21'
#
loop_
_entity.id
_entity.type
_entity.pdbx_description
1 polymer 'SusD homolog'
2 non-polymer 'ZINC ION'
3 non-polymer 'ACETATE ION'
4 water water
#
_entity_poly.entity_id   1
_entity_poly.type   'polypeptide(L)'
_entity_poly.pdbx_seq_one_letter_code
;G(MSE)DINSNPYQPGDLTPDDYALGSA(MSE)SNLASTVISSDVNTAQFTDCLLGGPLGGYFADSNAGWSNTISNFNAT
NDWTRVFLISDRIISTLYGNLSTVKQVSENTNNPVPYAIAQIIKVAA(MSE)SRVTDAYGPIPYSKIGQDGKITIPYDTQ
EEVYNAFFKELDESIEVLTENRNAALVASADFVYSGNVQKWVKFANSLKLRLAIRIANVSPAKAKE(MSE)AESAVNHEL
GLIETNADNATWKYFGTISNPLFVAVRYNEEASGGDTHPAADIICY(MSE)NGYNDNRRASYFEESKWPGETYVGLRRGI
NLSK(MSE)KEYFINYSRVKISSSDPVLW(MSE)NAAEVAFLRAEATAIYGFN(MSE)KGTAADFYEQGVRLSFEQWGAT
GVDSYLADESSVPALYKDPAGLNTYEKNLSAITVKWNEGASKEEKQERIITQKWIANWPLGNEAWADYRRTGYPKLLPAT
SEGNLSGGIVDSEKGARR(MSE)PYPSEEYTSNTENVQEAVNSYLGGPDN(MSE)ATDVWWARK
;
_entity_poly.pdbx_strand_id   A,B
#
loop_
_chem_comp.id
_chem_comp.type
_chem_comp.name
_chem_comp.formula
ACT non-polymer 'ACETATE ION' 'C2 H3 O2 -1'
ZN non-polymer 'ZINC ION' 'Zn 2'
#
# COMPACT_ATOMS: atom_id res chain seq x y z
N ASP A 17 21.70 9.63 -27.25
CA ASP A 17 22.78 9.84 -26.25
C ASP A 17 23.44 11.21 -26.50
N ASP A 18 22.74 12.26 -26.07
CA ASP A 18 23.15 13.65 -26.22
C ASP A 18 23.83 14.16 -24.95
N TYR A 19 24.99 14.78 -25.10
CA TYR A 19 25.71 15.36 -23.96
C TYR A 19 24.99 16.60 -23.41
N ALA A 20 24.48 17.45 -24.29
CA ALA A 20 23.93 18.73 -23.84
C ALA A 20 22.67 18.60 -22.97
N LEU A 21 21.71 17.78 -23.39
CA LEU A 21 20.49 17.52 -22.58
C LEU A 21 20.93 16.76 -21.33
N GLY A 22 21.75 15.74 -21.52
CA GLY A 22 22.26 14.93 -20.42
C GLY A 22 22.94 15.77 -19.36
N SER A 23 23.86 16.63 -19.79
CA SER A 23 24.59 17.51 -18.87
C SER A 23 23.65 18.48 -18.17
N ALA A 24 22.68 19.01 -18.91
CA ALA A 24 21.68 19.94 -18.35
C ALA A 24 20.81 19.28 -17.29
N MSE A 25 20.33 18.07 -17.57
CA MSE A 25 19.46 17.35 -16.65
C MSE A 25 20.18 17.05 -15.35
O MSE A 25 19.62 17.21 -14.28
CB MSE A 25 18.89 16.06 -17.25
CG MSE A 25 17.92 16.37 -18.39
SE MSE A 25 16.30 17.27 -17.72
CE MSE A 25 15.12 16.84 -19.22
N SER A 26 21.44 16.62 -15.44
CA SER A 26 22.23 16.38 -14.25
C SER A 26 22.51 17.66 -13.48
N ASN A 27 22.77 18.75 -14.21
CA ASN A 27 22.96 20.05 -13.57
C ASN A 27 21.72 20.44 -12.78
N LEU A 28 20.55 20.23 -13.36
CA LEU A 28 19.30 20.56 -12.69
C LEU A 28 19.14 19.74 -11.42
N ALA A 29 19.33 18.42 -11.54
CA ALA A 29 19.22 17.50 -10.40
C ALA A 29 20.13 17.96 -9.26
N SER A 30 21.31 18.47 -9.61
CA SER A 30 22.29 18.91 -8.63
CA SER A 30 22.30 18.90 -8.62
C SER A 30 21.87 20.16 -7.85
N THR A 31 20.84 20.86 -8.32
CA THR A 31 20.37 22.07 -7.63
C THR A 31 19.44 21.76 -6.46
N VAL A 32 19.06 20.48 -6.30
CA VAL A 32 18.33 20.03 -5.13
C VAL A 32 19.38 19.84 -4.03
N ILE A 33 20.10 18.72 -4.07
CA ILE A 33 21.24 18.51 -3.18
C ILE A 33 22.47 18.38 -4.08
N SER A 34 23.42 19.30 -3.91
CA SER A 34 24.54 19.41 -4.84
C SER A 34 25.49 18.24 -4.76
N SER A 35 26.08 17.89 -5.89
CA SER A 35 27.19 16.94 -5.95
C SER A 35 28.49 17.61 -5.47
N ASP A 36 28.51 18.95 -5.43
CA ASP A 36 29.64 19.67 -4.87
C ASP A 36 29.63 19.50 -3.35
N VAL A 37 30.68 18.91 -2.83
CA VAL A 37 30.71 18.52 -1.42
C VAL A 37 30.41 19.70 -0.50
N ASN A 38 31.13 20.80 -0.67
CA ASN A 38 31.00 21.95 0.24
C ASN A 38 29.65 22.65 0.18
N THR A 39 29.01 22.64 -0.99
CA THR A 39 27.66 23.18 -1.12
C THR A 39 26.66 22.31 -0.37
N ALA A 40 26.71 21.00 -0.63
CA ALA A 40 25.87 20.04 0.09
C ALA A 40 26.13 20.09 1.58
N GLN A 41 27.39 20.26 1.98
CA GLN A 41 27.69 20.39 3.39
C GLN A 41 26.87 21.54 3.99
N PHE A 42 26.90 22.70 3.33
CA PHE A 42 26.17 23.88 3.83
C PHE A 42 24.66 23.70 3.86
N THR A 43 24.08 23.19 2.76
CA THR A 43 22.63 23.15 2.65
C THR A 43 22.01 22.08 3.50
N ASP A 44 22.68 20.92 3.60
CA ASP A 44 22.08 19.75 4.23
C ASP A 44 22.81 19.21 5.45
N CYS A 45 24.13 19.38 5.53
CA CYS A 45 24.87 18.86 6.70
C CYS A 45 24.92 19.85 7.86
N LEU A 46 25.06 21.13 7.55
CA LEU A 46 25.22 22.17 8.55
C LEU A 46 23.94 22.95 8.79
N LEU A 47 23.03 22.93 7.82
CA LEU A 47 21.76 23.65 7.94
C LEU A 47 20.61 22.64 8.15
N GLY A 48 20.20 21.95 7.09
CA GLY A 48 19.04 21.08 7.17
C GLY A 48 19.13 20.06 8.30
N GLY A 49 20.20 19.28 8.29
CA GLY A 49 20.37 18.17 9.22
C GLY A 49 20.15 18.56 10.67
N PRO A 50 20.91 19.55 11.17
CA PRO A 50 20.79 19.96 12.57
C PRO A 50 19.46 20.63 12.91
N LEU A 51 19.00 21.52 12.04
CA LEU A 51 17.72 22.19 12.24
C LEU A 51 16.53 21.20 12.19
N GLY A 52 16.70 20.10 11.47
CA GLY A 52 15.66 19.05 11.38
C GLY A 52 15.78 17.95 12.42
N GLY A 53 16.84 17.97 13.22
CA GLY A 53 16.99 17.03 14.33
C GLY A 53 17.66 15.72 13.99
N TYR A 54 18.31 15.65 12.82
CA TYR A 54 19.01 14.43 12.38
C TYR A 54 20.51 14.45 12.65
N PHE A 55 21.13 15.62 12.46
CA PHE A 55 22.58 15.80 12.50
C PHE A 55 23.01 16.77 13.60
N ALA A 56 24.27 16.69 13.98
CA ALA A 56 24.85 17.61 14.95
C ALA A 56 26.27 17.97 14.53
N ASP A 57 26.59 19.26 14.56
CA ASP A 57 27.93 19.75 14.23
C ASP A 57 28.96 19.10 15.17
N SER A 58 30.14 18.77 14.65
CA SER A 58 31.20 18.16 15.48
C SER A 58 32.59 18.54 15.00
N ASN A 59 32.85 19.84 15.01
CA ASN A 59 34.20 20.35 14.79
C ASN A 59 34.45 21.46 15.79
N ALA A 60 35.41 21.21 16.69
CA ALA A 60 35.75 22.11 17.78
C ALA A 60 36.22 23.48 17.32
N GLY A 61 36.76 23.55 16.11
CA GLY A 61 37.23 24.81 15.54
C GLY A 61 36.16 25.78 15.07
N TRP A 62 34.90 25.34 14.97
CA TRP A 62 33.82 26.24 14.48
C TRP A 62 33.27 27.13 15.61
N SER A 63 33.64 28.40 15.58
CA SER A 63 33.15 29.35 16.58
C SER A 63 31.81 29.97 16.18
N ASN A 64 31.48 29.89 14.89
CA ASN A 64 30.20 30.38 14.38
C ASN A 64 29.49 29.32 13.55
N THR A 65 28.29 28.91 13.98
CA THR A 65 27.50 27.93 13.24
C THR A 65 26.03 28.31 13.21
N ILE A 66 25.30 27.64 12.33
CA ILE A 66 23.86 27.79 12.24
C ILE A 66 23.19 27.19 13.48
N SER A 67 23.64 26.01 13.89
CA SER A 67 23.11 25.35 15.10
C SER A 67 23.30 26.16 16.38
N ASN A 68 24.37 26.93 16.46
CA ASN A 68 24.62 27.80 17.64
C ASN A 68 23.98 29.19 17.48
N PHE A 69 23.37 29.43 16.32
CA PHE A 69 22.63 30.65 16.01
C PHE A 69 23.49 31.92 15.87
N ASN A 70 24.78 31.75 15.60
CA ASN A 70 25.67 32.89 15.37
C ASN A 70 26.41 32.78 14.04
N ALA A 71 25.82 32.08 13.10
CA ALA A 71 26.44 31.81 11.81
C ALA A 71 26.76 33.09 11.08
N THR A 72 27.90 33.09 10.40
CA THR A 72 28.26 34.18 9.51
C THR A 72 27.50 34.05 8.19
N ASN A 73 27.52 35.13 7.42
CA ASN A 73 26.77 35.23 6.19
C ASN A 73 27.12 34.15 5.16
N ASP A 74 28.39 33.75 5.10
CA ASP A 74 28.83 32.72 4.16
C ASP A 74 28.21 31.34 4.44
N TRP A 75 27.79 31.08 5.67
CA TRP A 75 27.05 29.85 5.97
C TRP A 75 25.57 29.97 5.61
N THR A 76 24.96 31.12 5.90
CA THR A 76 23.50 31.28 5.81
C THR A 76 23.00 31.62 4.41
N ARG A 77 23.85 32.22 3.60
CA ARG A 77 23.46 32.75 2.29
C ARG A 77 23.34 31.71 1.19
N VAL A 78 23.82 30.49 1.44
CA VAL A 78 24.17 29.57 0.36
C VAL A 78 22.99 29.25 -0.54
N PHE A 79 21.84 28.91 0.05
CA PHE A 79 20.64 28.59 -0.73
C PHE A 79 20.33 29.69 -1.75
N LEU A 80 20.43 30.95 -1.33
CA LEU A 80 20.04 32.07 -2.16
C LEU A 80 21.17 32.62 -3.05
N ILE A 81 22.42 32.38 -2.67
CA ILE A 81 23.58 32.98 -3.35
C ILE A 81 24.42 32.00 -4.18
N SER A 82 24.59 30.76 -3.73
CA SER A 82 25.49 29.83 -4.42
C SER A 82 25.19 29.69 -5.91
N ASP A 83 26.22 29.83 -6.73
CA ASP A 83 26.14 29.59 -8.17
C ASP A 83 25.67 28.20 -8.52
N ARG A 84 25.93 27.24 -7.62
CA ARG A 84 25.55 25.84 -7.83
C ARG A 84 24.06 25.56 -7.60
N ILE A 85 23.31 26.58 -7.16
CA ILE A 85 21.88 26.43 -6.94
C ILE A 85 21.13 27.26 -7.98
N ILE A 86 20.79 28.51 -7.65
CA ILE A 86 19.87 29.28 -8.49
C ILE A 86 20.41 29.54 -9.89
N SER A 87 21.63 30.08 -9.96
CA SER A 87 22.21 30.40 -11.26
C SER A 87 22.27 29.14 -12.15
N THR A 88 22.75 28.04 -11.58
CA THR A 88 22.80 26.76 -12.29
C THR A 88 21.40 26.30 -12.70
N LEU A 89 20.44 26.45 -11.81
CA LEU A 89 19.08 26.00 -12.08
C LEU A 89 18.52 26.72 -13.30
N TYR A 90 18.48 28.04 -13.25
CA TYR A 90 17.84 28.80 -14.30
C TYR A 90 18.63 28.77 -15.63
N GLY A 91 19.95 28.74 -15.56
CA GLY A 91 20.77 28.56 -16.76
C GLY A 91 20.41 27.27 -17.48
N ASN A 92 20.29 26.20 -16.73
CA ASN A 92 20.01 24.90 -17.32
C ASN A 92 18.54 24.70 -17.69
N LEU A 93 17.61 25.29 -16.95
CA LEU A 93 16.20 25.30 -17.36
C LEU A 93 16.08 25.87 -18.77
N SER A 94 16.76 26.98 -19.01
CA SER A 94 16.74 27.65 -20.31
C SER A 94 17.21 26.72 -21.43
N THR A 95 18.27 25.95 -21.18
CA THR A 95 18.80 25.00 -22.16
C THR A 95 17.76 23.94 -22.50
N VAL A 96 17.16 23.34 -21.47
CA VAL A 96 16.20 22.26 -21.69
C VAL A 96 14.95 22.79 -22.39
N LYS A 97 14.54 23.99 -22.04
CA LYS A 97 13.42 24.64 -22.71
C LYS A 97 13.65 24.76 -24.22
N GLN A 98 14.84 25.21 -24.60
CA GLN A 98 15.23 25.32 -26.01
CA GLN A 98 15.23 25.32 -26.00
C GLN A 98 15.13 23.97 -26.70
N VAL A 99 15.68 22.94 -26.06
CA VAL A 99 15.63 21.60 -26.63
C VAL A 99 14.17 21.17 -26.86
N SER A 100 13.31 21.37 -25.87
CA SER A 100 11.90 20.97 -25.99
C SER A 100 11.22 21.71 -27.14
N GLU A 101 11.37 23.02 -27.16
CA GLU A 101 10.72 23.87 -28.15
C GLU A 101 11.25 23.67 -29.57
N ASN A 102 12.50 23.23 -29.70
CA ASN A 102 13.12 23.05 -31.01
C ASN A 102 13.16 21.61 -31.50
N THR A 103 12.69 20.67 -30.69
CA THR A 103 12.49 19.29 -31.13
C THR A 103 11.03 18.90 -31.03
N ASN A 104 10.16 19.88 -30.79
CA ASN A 104 8.74 19.63 -30.64
C ASN A 104 8.49 18.45 -29.67
N ASN A 105 9.21 18.45 -28.56
CA ASN A 105 9.09 17.39 -27.55
C ASN A 105 9.03 18.00 -26.15
N PRO A 106 7.83 18.05 -25.55
CA PRO A 106 7.66 18.78 -24.30
C PRO A 106 8.08 18.02 -23.03
N VAL A 107 8.49 16.76 -23.17
CA VAL A 107 8.79 15.93 -22.03
C VAL A 107 9.99 16.45 -21.20
N PRO A 108 11.15 16.74 -21.84
CA PRO A 108 12.29 17.20 -21.07
C PRO A 108 12.04 18.45 -20.21
N TYR A 109 11.40 19.48 -20.77
CA TYR A 109 11.13 20.69 -20.00
C TYR A 109 10.13 20.45 -18.88
N ALA A 110 9.18 19.55 -19.11
CA ALA A 110 8.18 19.23 -18.07
C ALA A 110 8.86 18.58 -16.87
N ILE A 111 9.82 17.69 -17.13
CA ILE A 111 10.59 17.06 -16.06
C ILE A 111 11.50 18.07 -15.37
N ALA A 112 12.12 18.95 -16.16
CA ALA A 112 12.96 20.01 -15.61
C ALA A 112 12.19 20.92 -14.64
N GLN A 113 10.93 21.24 -14.95
CA GLN A 113 10.11 22.08 -14.07
C GLN A 113 9.79 21.42 -12.73
N ILE A 114 9.70 20.09 -12.72
CA ILE A 114 9.46 19.35 -11.49
C ILE A 114 10.69 19.47 -10.60
N ILE A 115 11.87 19.34 -11.21
CA ILE A 115 13.14 19.45 -10.48
C ILE A 115 13.31 20.88 -9.94
N LYS A 116 12.87 21.85 -10.73
CA LYS A 116 12.85 23.26 -10.31
C LYS A 116 12.12 23.43 -8.98
N VAL A 117 10.96 22.82 -8.86
CA VAL A 117 10.14 22.97 -7.65
C VAL A 117 10.80 22.27 -6.48
N ALA A 118 11.36 21.08 -6.75
CA ALA A 118 12.09 20.34 -5.72
C ALA A 118 13.25 21.13 -5.16
N ALA A 119 13.93 21.88 -6.03
CA ALA A 119 15.07 22.70 -5.64
C ALA A 119 14.65 23.97 -4.89
N MSE A 120 13.70 24.70 -5.46
CA MSE A 120 13.35 26.04 -4.97
C MSE A 120 12.44 26.04 -3.79
O MSE A 120 12.36 27.04 -3.08
CB MSE A 120 12.72 26.86 -6.10
CG MSE A 120 13.71 27.10 -7.24
SE MSE A 120 15.25 28.21 -6.66
CE MSE A 120 14.34 29.95 -6.45
N SER A 121 11.74 24.92 -3.55
CA SER A 121 10.92 24.80 -2.35
C SER A 121 11.82 24.87 -1.11
N ARG A 122 12.96 24.19 -1.19
CA ARG A 122 13.97 24.23 -0.13
C ARG A 122 14.47 25.66 0.12
N VAL A 123 14.62 26.44 -0.95
CA VAL A 123 15.07 27.83 -0.85
C VAL A 123 14.02 28.72 -0.16
N THR A 124 12.78 28.72 -0.65
CA THR A 124 11.76 29.54 0.03
C THR A 124 11.50 29.07 1.46
N ASP A 125 11.56 27.77 1.68
CA ASP A 125 11.32 27.22 3.02
C ASP A 125 12.42 27.65 4.01
N ALA A 126 13.58 28.04 3.50
CA ALA A 126 14.69 28.52 4.33
C ALA A 126 14.59 30.01 4.72
N TYR A 127 14.10 30.85 3.81
CA TYR A 127 14.09 32.32 4.01
C TYR A 127 12.70 32.96 4.16
N GLY A 128 11.70 32.35 3.52
CA GLY A 128 10.37 32.93 3.47
C GLY A 128 10.13 33.55 2.10
N PRO A 129 9.83 34.87 2.06
CA PRO A 129 9.72 35.51 0.75
C PRO A 129 11.05 35.45 -0.03
N ILE A 130 10.97 35.14 -1.32
CA ILE A 130 12.15 35.07 -2.17
C ILE A 130 11.84 35.59 -3.56
N PRO A 131 12.88 35.98 -4.30
CA PRO A 131 12.68 36.14 -5.73
C PRO A 131 12.30 34.80 -6.35
N TYR A 132 11.33 34.82 -7.25
CA TYR A 132 10.95 33.59 -7.93
C TYR A 132 10.36 33.88 -9.29
N SER A 133 9.13 34.39 -9.33
CA SER A 133 8.42 34.61 -10.60
C SER A 133 9.15 35.61 -11.50
N LYS A 134 9.87 36.56 -10.92
CA LYS A 134 10.54 37.60 -11.71
C LYS A 134 11.99 37.26 -12.07
N ILE A 135 12.46 36.07 -11.71
CA ILE A 135 13.80 35.64 -12.11
C ILE A 135 13.79 35.34 -13.61
N GLY A 136 14.57 36.11 -14.36
CA GLY A 136 14.61 35.98 -15.82
C GLY A 136 15.51 34.85 -16.29
N GLN A 137 15.75 34.84 -17.61
CA GLN A 137 16.59 33.83 -18.26
C GLN A 137 17.98 33.74 -17.62
N ASP A 138 18.54 34.90 -17.31
CA ASP A 138 19.94 35.01 -16.85
C ASP A 138 20.19 34.46 -15.44
N GLY A 139 19.13 34.14 -14.71
CA GLY A 139 19.26 33.56 -13.37
C GLY A 139 19.64 34.55 -12.28
N LYS A 140 19.56 35.84 -12.58
CA LYS A 140 19.89 36.88 -11.61
C LYS A 140 18.71 37.07 -10.68
N ILE A 141 19.00 37.36 -9.41
CA ILE A 141 17.95 37.60 -8.40
C ILE A 141 17.80 39.07 -8.04
N THR A 142 18.33 39.96 -8.88
CA THR A 142 18.28 41.41 -8.65
C THR A 142 16.94 41.95 -9.10
N ILE A 143 15.87 41.41 -8.54
CA ILE A 143 14.51 41.79 -8.91
C ILE A 143 13.59 41.68 -7.69
N PRO A 144 12.34 42.14 -7.82
CA PRO A 144 11.41 42.10 -6.69
C PRO A 144 11.10 40.68 -6.23
N TYR A 145 10.90 40.55 -4.92
CA TYR A 145 10.64 39.26 -4.31
C TYR A 145 9.16 38.92 -4.43
N ASP A 146 8.87 37.63 -4.39
CA ASP A 146 7.50 37.17 -4.21
C ASP A 146 7.25 36.92 -2.72
N THR A 147 6.00 37.07 -2.30
CA THR A 147 5.57 36.53 -1.02
C THR A 147 5.68 35.01 -1.08
N GLN A 148 5.88 34.37 0.06
CA GLN A 148 5.97 32.91 0.08
C GLN A 148 4.70 32.25 -0.48
N GLU A 149 3.54 32.87 -0.25
CA GLU A 149 2.28 32.41 -0.80
C GLU A 149 2.27 32.43 -2.32
N GLU A 150 2.77 33.51 -2.92
CA GLU A 150 2.85 33.61 -4.38
C GLU A 150 3.81 32.55 -4.93
N VAL A 151 4.88 32.28 -4.20
CA VAL A 151 5.85 31.26 -4.60
C VAL A 151 5.20 29.89 -4.64
N TYR A 152 4.46 29.56 -3.59
CA TYR A 152 3.77 28.29 -3.51
C TYR A 152 2.67 28.18 -4.60
N ASN A 153 1.94 29.26 -4.87
CA ASN A 153 0.96 29.24 -5.95
C ASN A 153 1.61 28.92 -7.30
N ALA A 154 2.79 29.47 -7.53
CA ALA A 154 3.52 29.19 -8.76
C ALA A 154 4.00 27.74 -8.79
N PHE A 155 4.51 27.23 -7.65
CA PHE A 155 4.89 25.81 -7.55
C PHE A 155 3.74 24.90 -8.02
N PHE A 156 2.53 25.18 -7.53
CA PHE A 156 1.36 24.33 -7.88
C PHE A 156 1.03 24.44 -9.35
N LYS A 157 1.07 25.65 -9.89
CA LYS A 157 0.84 25.87 -11.30
C LYS A 157 1.89 25.11 -12.14
N GLU A 158 3.14 25.20 -11.73
CA GLU A 158 4.22 24.55 -12.47
C GLU A 158 4.11 23.02 -12.45
N LEU A 159 3.86 22.47 -11.27
CA LEU A 159 3.67 21.02 -11.15
C LEU A 159 2.47 20.55 -11.98
N ASP A 160 1.37 21.30 -11.95
CA ASP A 160 0.18 20.91 -12.71
C ASP A 160 0.44 20.90 -14.21
N GLU A 161 1.16 21.90 -14.72
CA GLU A 161 1.56 21.91 -16.13
CA GLU A 161 1.57 21.92 -16.13
C GLU A 161 2.37 20.66 -16.49
N SER A 162 3.37 20.35 -15.67
CA SER A 162 4.23 19.19 -15.90
C SER A 162 3.44 17.89 -15.87
N ILE A 163 2.54 17.77 -14.91
CA ILE A 163 1.72 16.57 -14.75
C ILE A 163 0.83 16.38 -15.99
N GLU A 164 0.19 17.46 -16.44
CA GLU A 164 -0.67 17.39 -17.62
C GLU A 164 0.09 16.95 -18.88
N VAL A 165 1.21 17.60 -19.16
CA VAL A 165 2.06 17.29 -20.32
C VAL A 165 2.58 15.86 -20.28
N LEU A 166 3.17 15.47 -19.16
CA LEU A 166 3.74 14.12 -19.04
C LEU A 166 2.68 13.01 -19.09
N THR A 167 1.49 13.28 -18.56
CA THR A 167 0.40 12.33 -18.60
C THR A 167 -0.14 12.15 -20.05
N GLU A 168 -0.19 13.24 -20.80
CA GLU A 168 -0.51 13.18 -22.23
C GLU A 168 0.55 12.39 -22.99
N ASN A 169 1.78 12.39 -22.49
CA ASN A 169 2.90 11.66 -23.11
C ASN A 169 3.42 10.53 -22.23
N ARG A 170 2.50 9.79 -21.60
CA ARG A 170 2.87 8.82 -20.55
C ARG A 170 3.71 7.64 -21.05
N ASN A 171 3.65 7.37 -22.36
CA ASN A 171 4.42 6.27 -22.95
C ASN A 171 5.71 6.73 -23.62
N ALA A 172 5.99 8.02 -23.55
CA ALA A 172 7.26 8.56 -24.02
C ALA A 172 8.35 8.24 -22.99
N ALA A 173 9.59 8.53 -23.32
CA ALA A 173 10.71 8.33 -22.38
C ALA A 173 11.88 9.27 -22.68
N LEU A 174 12.59 9.67 -21.63
CA LEU A 174 13.92 10.28 -21.78
C LEU A 174 14.93 9.15 -21.88
N VAL A 175 16.08 9.45 -22.47
CA VAL A 175 17.19 8.51 -22.47
C VAL A 175 17.71 8.35 -21.05
N ALA A 176 18.11 7.13 -20.71
CA ALA A 176 18.57 6.81 -19.36
C ALA A 176 19.66 7.77 -18.87
N SER A 177 20.63 8.05 -19.74
CA SER A 177 21.76 8.93 -19.41
C SER A 177 21.36 10.37 -19.09
N ALA A 178 20.15 10.76 -19.46
CA ALA A 178 19.64 12.09 -19.13
C ALA A 178 18.82 12.09 -17.84
N ASP A 179 18.88 11.02 -17.05
CA ASP A 179 18.02 10.93 -15.87
C ASP A 179 18.46 9.83 -14.92
N PHE A 180 19.28 10.22 -13.95
CA PHE A 180 19.75 9.28 -12.95
C PHE A 180 18.85 9.26 -11.71
N VAL A 181 17.68 9.88 -11.81
CA VAL A 181 16.62 9.68 -10.83
C VAL A 181 15.76 8.48 -11.25
N TYR A 182 15.09 8.60 -12.39
CA TYR A 182 14.15 7.57 -12.83
C TYR A 182 14.47 6.88 -14.15
N SER A 183 15.68 7.08 -14.67
CA SER A 183 16.11 6.50 -15.96
C SER A 183 15.14 6.80 -17.09
N GLY A 184 14.56 7.99 -17.05
CA GLY A 184 13.75 8.48 -18.14
C GLY A 184 12.33 7.97 -18.14
N ASN A 185 11.91 7.35 -17.03
CA ASN A 185 10.54 6.85 -16.90
C ASN A 185 9.57 7.97 -16.57
N VAL A 186 8.77 8.33 -17.55
CA VAL A 186 7.88 9.49 -17.46
C VAL A 186 6.79 9.33 -16.41
N GLN A 187 6.27 8.12 -16.25
CA GLN A 187 5.22 7.88 -15.29
C GLN A 187 5.70 8.04 -13.85
N LYS A 188 6.94 7.64 -13.57
CA LYS A 188 7.51 7.85 -12.24
C LYS A 188 7.70 9.33 -11.94
N TRP A 189 8.04 10.10 -12.97
CA TRP A 189 8.14 11.55 -12.83
C TRP A 189 6.79 12.16 -12.49
N VAL A 190 5.71 11.69 -13.10
CA VAL A 190 4.38 12.16 -12.75
C VAL A 190 4.05 11.82 -11.30
N LYS A 191 4.37 10.62 -10.87
CA LYS A 191 4.14 10.20 -9.47
C LYS A 191 4.88 11.11 -8.48
N PHE A 192 6.11 11.46 -8.81
CA PHE A 192 6.91 12.34 -7.96
C PHE A 192 6.30 13.74 -7.96
N ALA A 193 5.82 14.20 -9.11
CA ALA A 193 5.17 15.50 -9.20
C ALA A 193 3.90 15.57 -8.34
N ASN A 194 3.04 14.56 -8.43
CA ASN A 194 1.86 14.47 -7.55
C ASN A 194 2.25 14.37 -6.06
N SER A 195 3.35 13.69 -5.78
CA SER A 195 3.81 13.50 -4.41
C SER A 195 4.34 14.80 -3.81
N LEU A 196 5.14 15.49 -4.61
CA LEU A 196 5.66 16.80 -4.26
C LEU A 196 4.52 17.81 -4.08
N LYS A 197 3.54 17.74 -4.98
CA LYS A 197 2.33 18.53 -4.86
C LYS A 197 1.64 18.27 -3.50
N LEU A 198 1.57 17.02 -3.07
CA LEU A 198 0.95 16.70 -1.79
C LEU A 198 1.78 17.23 -0.61
N ARG A 199 3.10 17.12 -0.70
CA ARG A 199 4.01 17.63 0.35
C ARG A 199 3.77 19.13 0.55
N LEU A 200 3.70 19.86 -0.54
CA LEU A 200 3.61 21.31 -0.51
C LEU A 200 2.22 21.74 -0.09
N ALA A 201 1.22 20.94 -0.45
CA ALA A 201 -0.16 21.19 -0.01
C ALA A 201 -0.28 21.08 1.51
N ILE A 202 0.25 20.01 2.07
CA ILE A 202 0.24 19.83 3.53
C ILE A 202 1.09 20.90 4.23
N ARG A 203 2.17 21.35 3.57
CA ARG A 203 2.98 22.42 4.09
C ARG A 203 2.15 23.66 4.41
N ILE A 204 1.17 23.98 3.57
CA ILE A 204 0.38 25.18 3.73
C ILE A 204 -0.99 24.94 4.36
N ALA A 205 -1.20 23.75 4.90
CA ALA A 205 -2.53 23.35 5.37
C ALA A 205 -3.05 24.14 6.57
N ASN A 206 -2.16 24.63 7.43
CA ASN A 206 -2.56 25.46 8.55
C ASN A 206 -2.93 26.86 8.13
N VAL A 207 -2.16 27.45 7.23
CA VAL A 207 -2.39 28.83 6.84
C VAL A 207 -3.36 28.98 5.67
N SER A 208 -3.38 28.00 4.77
CA SER A 208 -4.24 28.06 3.57
C SER A 208 -5.03 26.75 3.40
N PRO A 209 -5.99 26.49 4.29
CA PRO A 209 -6.65 25.18 4.30
C PRO A 209 -7.43 24.83 3.04
N ALA A 210 -8.12 25.80 2.45
CA ALA A 210 -8.90 25.55 1.25
C ALA A 210 -8.00 25.20 0.06
N LYS A 211 -6.89 25.91 -0.08
CA LYS A 211 -5.93 25.63 -1.15
C LYS A 211 -5.27 24.27 -0.95
N ALA A 212 -4.86 24.01 0.30
CA ALA A 212 -4.25 22.75 0.67
C ALA A 212 -5.14 21.57 0.31
N LYS A 213 -6.42 21.68 0.67
CA LYS A 213 -7.41 20.65 0.36
C LYS A 213 -7.51 20.38 -1.13
N GLU A 214 -7.63 21.46 -1.90
CA GLU A 214 -7.75 21.34 -3.34
C GLU A 214 -6.53 20.62 -3.93
N MSE A 215 -5.34 20.99 -3.47
CA MSE A 215 -4.09 20.49 -4.06
C MSE A 215 -3.82 19.09 -3.57
O MSE A 215 -3.45 18.23 -4.36
CB MSE A 215 -2.92 21.41 -3.73
CG MSE A 215 -3.10 22.82 -4.29
SE MSE A 215 -2.86 22.82 -6.24
CE MSE A 215 -4.74 22.86 -6.82
N ALA A 216 -4.01 18.86 -2.27
CA ALA A 216 -3.86 17.51 -1.71
C ALA A 216 -4.81 16.50 -2.40
N GLU A 217 -6.08 16.86 -2.50
CA GLU A 217 -7.09 15.94 -3.03
C GLU A 217 -6.89 15.75 -4.51
N SER A 218 -6.50 16.81 -5.20
CA SER A 218 -6.18 16.73 -6.63
C SER A 218 -5.01 15.77 -6.90
N ALA A 219 -3.98 15.84 -6.06
CA ALA A 219 -2.83 14.97 -6.22
C ALA A 219 -3.22 13.49 -6.16
N VAL A 220 -3.97 13.13 -5.11
CA VAL A 220 -4.42 11.76 -4.89
C VAL A 220 -5.44 11.25 -5.92
N ASN A 221 -6.13 12.18 -6.58
CA ASN A 221 -7.12 11.83 -7.57
C ASN A 221 -6.57 11.57 -8.96
N HIS A 222 -5.29 11.87 -9.16
CA HIS A 222 -4.73 11.79 -10.50
C HIS A 222 -4.63 10.34 -10.97
N GLU A 223 -4.89 10.11 -12.25
CA GLU A 223 -4.96 8.75 -12.79
C GLU A 223 -3.69 7.90 -12.63
N LEU A 224 -2.52 8.53 -12.45
CA LEU A 224 -1.24 7.80 -12.29
C LEU A 224 -0.75 7.68 -10.84
N GLY A 225 -1.43 8.34 -9.91
CA GLY A 225 -1.16 8.15 -8.50
C GLY A 225 0.12 8.81 -8.02
N LEU A 226 0.52 8.44 -6.81
CA LEU A 226 1.70 8.99 -6.17
C LEU A 226 2.79 7.93 -6.00
N ILE A 227 3.87 8.29 -5.32
CA ILE A 227 4.91 7.33 -5.02
C ILE A 227 4.34 6.42 -3.94
N GLU A 228 4.12 5.16 -4.30
CA GLU A 228 3.54 4.17 -3.41
C GLU A 228 4.45 3.01 -3.09
N THR A 229 5.51 2.84 -3.88
CA THR A 229 6.44 1.74 -3.67
C THR A 229 7.85 2.30 -3.56
N ASN A 230 8.69 1.62 -2.81
CA ASN A 230 10.08 2.01 -2.66
C ASN A 230 10.86 1.98 -3.97
N ALA A 231 10.42 1.15 -4.91
CA ALA A 231 11.02 1.12 -6.25
C ALA A 231 10.89 2.45 -6.97
N ASP A 232 9.93 3.28 -6.56
CA ASP A 232 9.72 4.58 -7.17
C ASP A 232 10.14 5.76 -6.29
N ASN A 233 10.90 5.52 -5.23
CA ASN A 233 11.45 6.61 -4.42
C ASN A 233 12.27 7.57 -5.28
N ALA A 234 12.10 8.88 -5.05
CA ALA A 234 12.89 9.87 -5.78
C ALA A 234 14.28 9.99 -5.14
N THR A 235 15.25 9.34 -5.76
CA THR A 235 16.64 9.38 -5.31
C THR A 235 17.53 9.63 -6.52
N TRP A 236 18.56 10.45 -6.35
CA TRP A 236 19.46 10.79 -7.42
C TRP A 236 20.62 9.80 -7.41
N LYS A 237 20.63 8.88 -8.37
CA LYS A 237 21.55 7.74 -8.39
C LYS A 237 22.80 8.10 -9.21
N TYR A 238 23.53 9.10 -8.74
CA TYR A 238 24.60 9.75 -9.49
C TYR A 238 26.01 9.32 -9.12
N PHE A 239 26.14 8.48 -8.08
CA PHE A 239 27.42 8.29 -7.40
C PHE A 239 27.96 6.87 -7.52
N GLY A 240 29.21 6.68 -7.11
CA GLY A 240 29.92 5.42 -7.37
C GLY A 240 31.28 5.68 -7.99
N THR A 241 31.30 6.42 -9.09
CA THR A 241 32.54 6.98 -9.63
C THR A 241 32.76 8.33 -8.97
N ILE A 242 31.72 9.17 -9.01
CA ILE A 242 31.69 10.40 -8.24
C ILE A 242 31.21 10.05 -6.83
N SER A 243 31.84 10.63 -5.83
CA SER A 243 31.49 10.34 -4.45
C SER A 243 30.23 11.07 -3.98
N ASN A 244 29.37 10.36 -3.26
CA ASN A 244 28.23 10.98 -2.60
C ASN A 244 28.74 12.15 -1.74
N PRO A 245 28.16 13.35 -1.91
CA PRO A 245 28.67 14.54 -1.22
C PRO A 245 28.44 14.54 0.29
N LEU A 246 27.35 13.91 0.73
CA LEU A 246 27.04 13.80 2.13
C LEU A 246 28.06 12.89 2.79
N PHE A 247 28.42 11.80 2.12
CA PHE A 247 29.48 10.91 2.59
C PHE A 247 30.76 11.70 2.88
N VAL A 248 31.21 12.50 1.92
CA VAL A 248 32.48 13.22 2.06
C VAL A 248 32.37 14.26 3.19
N ALA A 249 31.27 15.01 3.20
CA ALA A 249 31.07 16.07 4.18
C ALA A 249 31.05 15.56 5.62
N VAL A 250 30.27 14.52 5.89
CA VAL A 250 30.15 14.02 7.27
C VAL A 250 31.41 13.28 7.71
N ARG A 251 32.18 12.77 6.76
CA ARG A 251 33.46 12.11 7.07
C ARG A 251 34.66 13.05 7.15
N TYR A 252 34.51 14.32 6.75
CA TYR A 252 35.63 15.28 6.87
C TYR A 252 36.22 15.19 8.27
N ASN A 253 37.56 15.17 8.35
CA ASN A 253 38.28 15.22 9.63
C ASN A 253 38.01 14.02 10.52
N GLU A 254 37.64 12.92 9.87
CA GLU A 254 37.38 11.65 10.49
C GLU A 254 38.39 11.22 11.58
N GLU A 255 39.68 11.37 11.29
CA GLU A 255 40.75 10.86 12.15
CA GLU A 255 40.73 10.84 12.17
C GLU A 255 40.75 11.52 13.55
N ALA A 256 40.43 12.82 13.59
CA ALA A 256 40.39 13.55 14.85
C ALA A 256 39.02 13.44 15.56
N SER A 257 37.95 13.67 14.82
CA SER A 257 36.61 13.85 15.41
C SER A 257 35.63 12.72 15.14
N GLY A 258 36.00 11.79 14.26
CA GLY A 258 35.05 10.82 13.74
C GLY A 258 34.24 11.39 12.58
N GLY A 259 34.27 12.72 12.41
CA GLY A 259 33.53 13.38 11.32
C GLY A 259 33.05 14.79 11.68
N ASP A 260 32.94 15.65 10.67
CA ASP A 260 32.46 17.03 10.87
C ASP A 260 30.99 17.08 11.33
N THR A 261 30.27 16.00 11.09
CA THR A 261 28.86 15.91 11.42
C THR A 261 28.57 14.51 11.95
N HIS A 262 27.87 14.45 13.08
CA HIS A 262 27.42 13.18 13.67
C HIS A 262 25.90 13.15 13.67
N PRO A 263 25.32 11.95 13.82
CA PRO A 263 23.89 11.86 14.09
C PRO A 263 23.50 12.57 15.40
N ALA A 264 22.32 13.19 15.40
CA ALA A 264 21.88 13.97 16.55
C ALA A 264 21.38 13.10 17.69
N ALA A 265 21.54 13.60 18.92
CA ALA A 265 20.98 12.94 20.09
C ALA A 265 19.50 12.65 19.96
N ASP A 266 18.76 13.58 19.36
CA ASP A 266 17.29 13.52 19.28
C ASP A 266 16.83 12.24 18.59
N ILE A 267 17.27 12.04 17.34
CA ILE A 267 16.85 10.89 16.54
C ILE A 267 17.22 9.56 17.25
N ILE A 268 18.41 9.50 17.83
CA ILE A 268 18.87 8.28 18.48
C ILE A 268 18.10 8.00 19.78
N CYS A 269 17.73 9.04 20.51
CA CYS A 269 16.91 8.90 21.73
C CYS A 269 15.54 8.30 21.46
N TYR A 270 14.89 8.77 20.42
CA TYR A 270 13.60 8.23 19.99
C TYR A 270 13.74 6.77 19.57
N MSE A 271 14.74 6.47 18.73
CA MSE A 271 14.90 5.14 18.17
C MSE A 271 15.38 4.13 19.19
O MSE A 271 14.97 2.97 19.15
CB MSE A 271 15.81 5.19 16.94
CG MSE A 271 15.09 5.90 15.79
SE MSE A 271 16.25 6.11 14.20
CE MSE A 271 15.90 4.35 13.37
N ASN A 272 16.25 4.56 20.12
CA ASN A 272 16.65 3.70 21.23
C ASN A 272 15.48 3.34 22.11
N GLY A 273 14.70 4.34 22.51
CA GLY A 273 13.52 4.11 23.33
C GLY A 273 12.53 3.14 22.70
N TYR A 274 12.38 3.23 21.38
CA TYR A 274 11.48 2.33 20.64
C TYR A 274 12.15 1.01 20.22
N ASN A 275 13.41 0.79 20.58
CA ASN A 275 14.15 -0.41 20.15
C ASN A 275 14.01 -0.63 18.64
N ASP A 276 14.21 0.46 17.89
CA ASP A 276 13.91 0.53 16.48
C ASP A 276 14.95 -0.24 15.67
N ASN A 277 14.50 -1.23 14.90
CA ASN A 277 15.42 -2.06 14.11
C ASN A 277 16.03 -1.34 12.92
N ARG A 278 15.56 -0.14 12.62
CA ARG A 278 16.19 0.67 11.57
C ARG A 278 17.51 1.30 12.00
N ARG A 279 17.82 1.30 13.30
CA ARG A 279 19.04 1.93 13.79
C ARG A 279 20.30 1.41 13.07
N ALA A 280 20.36 0.10 12.86
CA ALA A 280 21.51 -0.53 12.20
C ALA A 280 21.70 -0.04 10.77
N SER A 281 20.63 0.44 10.14
CA SER A 281 20.72 0.98 8.80
C SER A 281 21.08 2.46 8.77
N TYR A 282 20.83 3.15 9.88
CA TYR A 282 21.02 4.61 9.93
C TYR A 282 22.41 4.96 10.44
N PHE A 283 22.87 4.24 11.47
CA PHE A 283 24.03 4.64 12.26
C PHE A 283 25.10 3.58 12.37
N GLU A 284 26.33 4.02 12.60
CA GLU A 284 27.42 3.15 13.00
C GLU A 284 27.48 3.20 14.52
N GLU A 285 27.92 2.12 15.15
CA GLU A 285 27.88 2.01 16.61
CA GLU A 285 27.89 2.00 16.60
C GLU A 285 28.86 2.98 17.24
N SER A 286 28.52 3.46 18.44
CA SER A 286 29.39 4.37 19.19
C SER A 286 30.53 3.59 19.82
N LYS A 287 31.52 4.31 20.32
CA LYS A 287 32.63 3.73 21.09
C LYS A 287 32.41 3.87 22.61
N TRP A 288 31.26 4.39 23.01
CA TRP A 288 30.96 4.52 24.43
C TRP A 288 30.57 3.17 25.02
N PRO A 289 31.23 2.75 26.11
CA PRO A 289 30.91 1.45 26.75
C PRO A 289 29.43 1.28 27.09
N GLY A 290 28.85 0.16 26.69
CA GLY A 290 27.48 -0.19 27.05
C GLY A 290 26.36 0.46 26.24
N GLU A 291 26.72 1.31 25.27
CA GLU A 291 25.71 2.06 24.51
C GLU A 291 25.99 1.95 23.02
N THR A 292 25.27 1.07 22.35
CA THR A 292 25.50 0.82 20.93
C THR A 292 25.30 2.11 20.15
N TYR A 293 24.19 2.78 20.38
CA TYR A 293 23.84 4.00 19.65
C TYR A 293 23.76 5.22 20.57
N VAL A 294 24.62 6.20 20.33
CA VAL A 294 24.61 7.46 21.09
C VAL A 294 24.79 8.63 20.13
N GLY A 295 23.79 9.51 20.11
CA GLY A 295 23.84 10.71 19.28
C GLY A 295 24.50 11.87 20.00
N LEU A 296 24.89 12.86 19.21
CA LEU A 296 25.55 14.06 19.70
C LEU A 296 24.54 15.16 19.80
N ARG A 297 24.59 15.91 20.90
CA ARG A 297 23.60 16.94 21.14
C ARG A 297 23.81 18.18 20.25
N ARG A 298 22.72 18.77 19.80
CA ARG A 298 22.77 19.95 18.93
C ARG A 298 22.69 21.22 19.76
N GLY A 299 23.37 22.27 19.30
CA GLY A 299 23.31 23.57 19.95
C GLY A 299 24.07 23.57 21.26
N ILE A 300 25.31 23.09 21.20
CA ILE A 300 26.16 22.96 22.38
C ILE A 300 27.45 23.73 22.21
N ASN A 301 28.18 23.86 23.30
CA ASN A 301 29.51 24.43 23.30
C ASN A 301 30.48 23.44 22.66
N LEU A 302 30.91 23.73 21.43
CA LEU A 302 31.70 22.78 20.65
C LEU A 302 33.13 22.62 21.13
N SER A 303 33.76 23.72 21.56
CA SER A 303 35.18 23.67 21.96
C SER A 303 35.42 22.66 23.09
N LYS A 304 34.48 22.59 24.02
CA LYS A 304 34.60 21.66 25.16
C LYS A 304 34.49 20.19 24.77
N MSE A 305 33.98 19.91 23.57
CA MSE A 305 33.73 18.53 23.15
C MSE A 305 34.80 17.97 22.23
O MSE A 305 34.68 16.86 21.74
CB MSE A 305 32.38 18.52 22.44
CG MSE A 305 31.26 18.50 23.46
SE MSE A 305 31.27 16.77 24.42
CE MSE A 305 30.94 15.58 22.91
N LYS A 306 35.87 18.72 22.04
CA LYS A 306 36.92 18.35 21.08
C LYS A 306 37.38 16.90 21.21
N GLU A 307 37.72 16.49 22.43
CA GLU A 307 38.32 15.19 22.69
CA GLU A 307 38.33 15.18 22.64
C GLU A 307 37.31 14.04 22.65
N TYR A 308 36.03 14.37 22.65
CA TYR A 308 34.98 13.35 22.81
C TYR A 308 34.14 13.06 21.56
N PHE A 309 34.17 13.94 20.57
CA PHE A 309 33.34 13.74 19.35
C PHE A 309 33.49 12.32 18.79
N ILE A 310 34.73 11.86 18.73
CA ILE A 310 35.06 10.59 18.09
C ILE A 310 34.32 9.38 18.68
N ASN A 311 33.87 9.45 19.93
CA ASN A 311 33.18 8.31 20.57
C ASN A 311 31.72 8.10 20.17
N TYR A 312 31.10 9.09 19.56
CA TYR A 312 29.67 9.01 19.27
C TYR A 312 29.41 8.17 18.04
N SER A 313 28.16 7.70 17.93
CA SER A 313 27.71 7.00 16.75
C SER A 313 27.90 7.91 15.56
N ARG A 314 28.05 7.32 14.38
CA ARG A 314 28.27 8.07 13.17
C ARG A 314 27.18 7.78 12.15
N VAL A 315 27.13 8.63 11.13
CA VAL A 315 26.20 8.45 10.05
C VAL A 315 26.65 7.24 9.27
N LYS A 316 25.74 6.29 9.04
CA LYS A 316 26.05 5.15 8.19
C LYS A 316 25.77 5.54 6.75
N ILE A 317 26.83 5.64 5.96
CA ILE A 317 26.70 6.11 4.59
C ILE A 317 27.89 5.65 3.76
N SER A 318 27.65 5.42 2.47
CA SER A 318 28.68 4.98 1.55
C SER A 318 28.85 5.97 0.39
N SER A 319 30.08 6.05 -0.13
CA SER A 319 30.40 6.97 -1.21
C SER A 319 29.62 6.73 -2.50
N SER A 320 29.01 5.56 -2.65
CA SER A 320 28.19 5.26 -3.85
C SER A 320 26.68 5.38 -3.63
N ASP A 321 26.25 5.69 -2.41
CA ASP A 321 24.83 5.80 -2.11
C ASP A 321 24.15 6.87 -2.96
N PRO A 322 22.91 6.61 -3.39
CA PRO A 322 22.08 7.66 -4.01
C PRO A 322 21.74 8.74 -2.98
N VAL A 323 21.34 9.92 -3.46
CA VAL A 323 20.89 10.97 -2.55
C VAL A 323 19.36 11.01 -2.59
N LEU A 324 18.75 10.91 -1.41
CA LEU A 324 17.29 10.87 -1.30
C LEU A 324 16.66 12.24 -1.50
N TRP A 325 15.58 12.31 -2.30
CA TRP A 325 14.74 13.52 -2.39
C TRP A 325 13.38 13.33 -1.69
N MSE A 326 12.79 12.14 -1.84
CA MSE A 326 11.46 11.85 -1.31
C MSE A 326 11.20 10.38 -1.41
O MSE A 326 11.46 9.77 -2.46
CB MSE A 326 10.36 12.60 -2.10
CG MSE A 326 9.02 12.55 -1.38
SE MSE A 326 7.66 13.70 -2.25
CE MSE A 326 6.22 13.49 -0.92
N ASN A 327 10.62 9.79 -0.36
CA ASN A 327 10.30 8.36 -0.37
C ASN A 327 8.81 8.05 -0.27
N ALA A 328 8.46 6.77 -0.48
CA ALA A 328 7.09 6.31 -0.45
C ALA A 328 6.48 6.44 0.95
N ALA A 329 7.31 6.28 1.97
CA ALA A 329 6.84 6.37 3.35
C ALA A 329 6.24 7.75 3.64
N GLU A 330 6.93 8.80 3.21
CA GLU A 330 6.46 10.16 3.45
C GLU A 330 5.08 10.37 2.85
N VAL A 331 4.88 9.86 1.63
CA VAL A 331 3.59 9.96 0.98
C VAL A 331 2.48 9.34 1.83
N ALA A 332 2.73 8.18 2.41
CA ALA A 332 1.76 7.55 3.30
C ALA A 332 1.49 8.42 4.55
N PHE A 333 2.56 8.93 5.16
CA PHE A 333 2.38 9.77 6.33
C PHE A 333 1.66 11.08 6.00
N LEU A 334 1.89 11.60 4.79
CA LEU A 334 1.19 12.81 4.33
C LEU A 334 -0.32 12.55 4.22
N ARG A 335 -0.67 11.42 3.61
CA ARG A 335 -2.08 11.03 3.50
CA ARG A 335 -2.08 11.03 3.50
C ARG A 335 -2.70 10.77 4.87
N ALA A 336 -1.91 10.19 5.78
CA ALA A 336 -2.36 9.96 7.16
C ALA A 336 -2.73 11.27 7.86
N GLU A 337 -1.88 12.30 7.71
CA GLU A 337 -2.12 13.60 8.34
C GLU A 337 -3.23 14.36 7.62
N ALA A 338 -3.23 14.29 6.29
CA ALA A 338 -4.27 14.91 5.49
C ALA A 338 -5.66 14.47 5.97
N THR A 339 -5.84 13.17 6.17
CA THR A 339 -7.12 12.63 6.64
CA THR A 339 -7.12 12.63 6.64
C THR A 339 -7.39 12.94 8.10
N ALA A 340 -6.45 12.56 8.98
CA ALA A 340 -6.65 12.62 10.43
C ALA A 340 -6.68 14.02 11.03
N ILE A 341 -5.85 14.91 10.51
CA ILE A 341 -5.71 16.24 11.09
C ILE A 341 -6.53 17.26 10.31
N TYR A 342 -6.54 17.14 8.99
CA TYR A 342 -7.11 18.16 8.13
C TYR A 342 -8.44 17.76 7.49
N GLY A 343 -8.84 16.49 7.65
CA GLY A 343 -10.14 16.03 7.15
C GLY A 343 -10.25 15.97 5.64
N PHE A 344 -9.13 15.85 4.94
CA PHE A 344 -9.18 15.76 3.47
C PHE A 344 -9.55 14.35 3.05
N ASN A 345 -10.09 14.24 1.83
CA ASN A 345 -10.50 12.97 1.25
C ASN A 345 -9.32 12.31 0.53
N MSE A 346 -8.70 11.33 1.19
CA MSE A 346 -7.53 10.63 0.66
C MSE A 346 -7.82 9.23 0.19
O MSE A 346 -6.89 8.43 0.02
CB MSE A 346 -6.50 10.55 1.79
CG MSE A 346 -5.97 11.90 2.24
SE MSE A 346 -4.81 12.63 0.81
CE MSE A 346 -5.93 14.12 0.24
N LYS A 347 -9.09 8.89 -0.02
CA LYS A 347 -9.50 7.56 -0.45
C LYS A 347 -8.98 6.45 0.46
N GLY A 348 -9.00 6.69 1.77
CA GLY A 348 -8.51 5.70 2.71
C GLY A 348 -8.54 6.26 4.12
N THR A 349 -7.97 5.51 5.06
CA THR A 349 -8.06 5.82 6.47
C THR A 349 -6.69 6.07 7.07
N ALA A 350 -6.67 6.93 8.08
CA ALA A 350 -5.42 7.30 8.75
C ALA A 350 -4.69 6.11 9.33
N ALA A 351 -5.43 5.18 9.96
CA ALA A 351 -4.81 4.00 10.56
C ALA A 351 -4.02 3.22 9.50
N ASP A 352 -4.60 3.06 8.31
CA ASP A 352 -3.94 2.34 7.23
C ASP A 352 -2.69 3.09 6.78
N PHE A 353 -2.84 4.39 6.53
CA PHE A 353 -1.75 5.19 6.01
C PHE A 353 -0.56 5.23 6.96
N TYR A 354 -0.84 5.37 8.26
CA TYR A 354 0.22 5.36 9.28
C TYR A 354 1.00 4.04 9.24
N GLU A 355 0.30 2.92 9.25
CA GLU A 355 0.97 1.62 9.24
C GLU A 355 1.71 1.36 7.92
N GLN A 356 1.10 1.74 6.80
CA GLN A 356 1.75 1.61 5.51
C GLN A 356 3.07 2.39 5.44
N GLY A 357 3.09 3.59 6.03
CA GLY A 357 4.29 4.41 6.04
C GLY A 357 5.40 3.74 6.82
N VAL A 358 5.06 3.19 7.97
CA VAL A 358 6.04 2.53 8.82
C VAL A 358 6.56 1.26 8.14
N ARG A 359 5.66 0.49 7.55
CA ARG A 359 6.04 -0.72 6.81
C ARG A 359 6.93 -0.39 5.62
N LEU A 360 6.58 0.65 4.87
CA LEU A 360 7.40 1.08 3.73
C LEU A 360 8.80 1.50 4.20
N SER A 361 8.89 2.18 5.33
CA SER A 361 10.20 2.58 5.89
C SER A 361 11.05 1.39 6.29
N PHE A 362 10.51 0.50 7.11
CA PHE A 362 11.23 -0.73 7.48
C PHE A 362 11.72 -1.46 6.24
N GLU A 363 10.84 -1.63 5.26
CA GLU A 363 11.19 -2.33 4.02
CA GLU A 363 11.19 -2.32 4.02
C GLU A 363 12.28 -1.58 3.25
N GLN A 364 12.17 -0.25 3.17
CA GLN A 364 13.18 0.58 2.50
C GLN A 364 14.59 0.31 3.01
N TRP A 365 14.72 0.11 4.31
CA TRP A 365 16.02 -0.04 4.95
C TRP A 365 16.38 -1.49 5.28
N GLY A 366 15.53 -2.43 4.86
CA GLY A 366 15.77 -3.84 5.09
C GLY A 366 15.66 -4.27 6.55
N ALA A 367 14.90 -3.52 7.35
CA ALA A 367 14.71 -3.88 8.75
C ALA A 367 13.53 -4.81 8.89
N THR A 368 13.61 -5.73 9.85
CA THR A 368 12.50 -6.64 10.15
C THR A 368 11.86 -6.31 11.49
N GLY A 369 10.81 -7.03 11.84
CA GLY A 369 10.14 -6.88 13.13
C GLY A 369 9.17 -5.70 13.19
N VAL A 370 8.66 -5.29 12.03
CA VAL A 370 7.73 -4.17 11.95
C VAL A 370 6.41 -4.45 12.67
N ASP A 371 5.95 -5.69 12.63
CA ASP A 371 4.68 -6.05 13.29
C ASP A 371 4.75 -5.75 14.79
N SER A 372 5.80 -6.27 15.44
CA SER A 372 6.00 -6.02 16.86
CA SER A 372 6.01 -6.01 16.86
CA SER A 372 6.00 -6.03 16.87
C SER A 372 6.19 -4.53 17.12
N TYR A 373 6.88 -3.84 16.23
CA TYR A 373 7.09 -2.40 16.34
C TYR A 373 5.74 -1.65 16.33
N LEU A 374 4.90 -1.96 15.35
CA LEU A 374 3.58 -1.33 15.23
C LEU A 374 2.61 -1.70 16.35
N ALA A 375 2.85 -2.82 17.02
CA ALA A 375 2.03 -3.24 18.15
C ALA A 375 2.49 -2.64 19.49
N ASP A 376 3.60 -1.91 19.48
CA ASP A 376 4.17 -1.40 20.72
C ASP A 376 3.45 -0.13 21.20
N GLU A 377 2.71 -0.27 22.28
CA GLU A 377 1.99 0.86 22.87
C GLU A 377 2.59 1.29 24.22
N SER A 378 3.77 0.81 24.57
CA SER A 378 4.38 1.16 25.87
C SER A 378 5.77 1.80 25.83
N SER A 379 6.56 1.49 24.81
CA SER A 379 7.91 2.06 24.70
C SER A 379 7.86 3.56 24.41
N VAL A 380 8.67 4.32 25.14
CA VAL A 380 8.74 5.77 24.93
C VAL A 380 10.16 6.20 24.56
N PRO A 381 10.30 7.37 23.92
CA PRO A 381 11.62 7.92 23.64
C PRO A 381 12.47 7.98 24.90
N ALA A 382 13.75 7.62 24.77
CA ALA A 382 14.65 7.54 25.91
C ALA A 382 15.14 8.92 26.33
N LEU A 383 15.59 9.02 27.59
CA LEU A 383 16.29 10.20 28.08
C LEU A 383 17.62 10.35 27.38
N TYR A 384 18.21 11.54 27.43
CA TYR A 384 19.57 11.74 26.97
C TYR A 384 20.55 11.95 28.12
N LYS A 385 21.18 10.86 28.53
CA LYS A 385 22.27 10.89 29.48
C LYS A 385 23.57 10.95 28.68
N ASP A 386 24.21 12.11 28.66
CA ASP A 386 25.43 12.32 27.87
C ASP A 386 26.59 11.53 28.49
N PRO A 387 27.11 10.51 27.77
CA PRO A 387 28.24 9.79 28.35
C PRO A 387 29.49 10.64 28.58
N ALA A 388 29.63 11.77 27.89
CA ALA A 388 30.72 12.72 28.18
C ALA A 388 30.46 13.50 29.46
N GLY A 389 29.22 13.51 29.93
CA GLY A 389 28.84 14.21 31.15
C GLY A 389 28.81 15.72 31.02
N LEU A 390 28.63 16.25 29.80
CA LEU A 390 28.62 17.69 29.57
C LEU A 390 27.26 18.26 29.16
N ASN A 391 26.48 17.50 28.41
CA ASN A 391 25.22 18.00 27.84
C ASN A 391 24.06 17.03 28.06
N THR A 392 23.99 16.51 29.27
CA THR A 392 22.87 15.66 29.66
C THR A 392 21.58 16.49 29.67
N TYR A 393 20.51 15.92 29.14
CA TYR A 393 19.21 16.60 29.17
C TYR A 393 18.45 16.07 30.38
N GLU A 394 18.20 16.95 31.35
CA GLU A 394 17.69 16.55 32.66
C GLU A 394 16.23 16.12 32.60
N LYS A 395 15.49 16.64 31.62
CA LYS A 395 14.06 16.36 31.52
C LYS A 395 13.74 15.18 30.59
N ASN A 396 12.51 14.73 30.63
CA ASN A 396 12.03 13.66 29.77
C ASN A 396 11.65 14.17 28.38
N LEU A 397 11.94 13.36 27.37
CA LEU A 397 11.46 13.63 26.03
C LEU A 397 9.97 13.28 26.00
N SER A 398 9.31 13.51 24.86
CA SER A 398 7.91 13.15 24.71
C SER A 398 7.62 11.70 25.16
N ALA A 399 6.39 11.46 25.60
CA ALA A 399 5.93 10.12 25.94
C ALA A 399 5.14 9.48 24.79
N ILE A 400 5.25 10.02 23.58
CA ILE A 400 4.51 9.49 22.43
C ILE A 400 4.99 8.06 22.09
N THR A 401 4.03 7.13 21.95
CA THR A 401 4.30 5.73 21.66
C THR A 401 3.98 5.42 20.19
N VAL A 402 4.36 4.23 19.73
CA VAL A 402 4.26 3.86 18.32
C VAL A 402 2.84 3.45 17.91
N LYS A 403 2.21 2.57 18.68
CA LYS A 403 0.98 1.93 18.24
C LYS A 403 -0.12 2.93 17.92
N TRP A 404 -0.75 2.77 16.76
CA TRP A 404 -1.84 3.64 16.38
C TRP A 404 -3.03 3.49 17.33
N ASN A 405 -3.58 4.63 17.76
CA ASN A 405 -4.77 4.68 18.61
C ASN A 405 -5.84 5.57 17.95
N GLU A 406 -6.92 4.96 17.48
CA GLU A 406 -7.95 5.67 16.71
C GLU A 406 -8.73 6.66 17.60
N GLY A 407 -8.80 6.38 18.89
CA GLY A 407 -9.51 7.24 19.83
C GLY A 407 -8.66 8.37 20.39
N ALA A 408 -7.38 8.42 20.01
CA ALA A 408 -6.49 9.46 20.54
C ALA A 408 -6.93 10.84 20.07
N SER A 409 -6.46 11.86 20.77
CA SER A 409 -6.76 13.24 20.39
C SER A 409 -6.05 13.59 19.10
N LYS A 410 -6.51 14.67 18.47
CA LYS A 410 -5.90 15.19 17.26
C LYS A 410 -4.42 15.49 17.46
N GLU A 411 -4.10 16.16 18.56
CA GLU A 411 -2.72 16.53 18.87
CA GLU A 411 -2.71 16.52 18.87
C GLU A 411 -1.81 15.30 18.97
N GLU A 412 -2.29 14.26 19.65
CA GLU A 412 -1.54 13.01 19.78
C GLU A 412 -1.40 12.29 18.43
N LYS A 413 -2.48 12.27 17.64
CA LYS A 413 -2.41 11.67 16.32
C LYS A 413 -1.37 12.37 15.45
N GLN A 414 -1.39 13.71 15.45
CA GLN A 414 -0.41 14.48 14.68
C GLN A 414 1.01 14.22 15.17
N GLU A 415 1.23 14.23 16.48
CA GLU A 415 2.56 13.94 17.00
C GLU A 415 3.00 12.54 16.59
N ARG A 416 2.08 11.59 16.63
CA ARG A 416 2.38 10.20 16.28
C ARG A 416 2.80 10.11 14.82
N ILE A 417 2.01 10.73 13.94
CA ILE A 417 2.30 10.69 12.51
C ILE A 417 3.65 11.35 12.23
N ILE A 418 3.81 12.59 12.69
CA ILE A 418 5.03 13.35 12.39
C ILE A 418 6.29 12.69 12.97
N THR A 419 6.18 12.10 14.16
CA THR A 419 7.34 11.45 14.77
C THR A 419 7.83 10.28 13.89
N GLN A 420 6.90 9.47 13.40
CA GLN A 420 7.27 8.32 12.58
C GLN A 420 7.68 8.76 11.18
N LYS A 421 7.04 9.80 10.67
CA LYS A 421 7.42 10.38 9.38
C LYS A 421 8.85 10.89 9.46
N TRP A 422 9.17 11.54 10.58
CA TRP A 422 10.48 12.08 10.84
C TRP A 422 11.56 11.00 10.87
N ILE A 423 11.33 9.96 11.66
CA ILE A 423 12.26 8.83 11.68
C ILE A 423 12.44 8.26 10.27
N ALA A 424 11.33 8.13 9.55
CA ALA A 424 11.36 7.52 8.21
C ALA A 424 11.99 8.42 7.15
N ASN A 425 12.16 9.71 7.47
CA ASN A 425 12.74 10.66 6.53
C ASN A 425 14.23 10.95 6.68
N TRP A 426 14.90 10.22 7.56
CA TRP A 426 16.35 10.21 7.61
C TRP A 426 16.96 10.03 6.22
N PRO A 427 17.84 10.94 5.77
CA PRO A 427 18.34 12.14 6.42
C PRO A 427 17.90 13.44 5.74
N LEU A 428 16.61 13.58 5.46
CA LEU A 428 16.08 14.77 4.78
C LEU A 428 15.86 15.92 5.77
N GLY A 429 16.97 16.49 6.24
CA GLY A 429 16.94 17.49 7.31
C GLY A 429 16.11 18.71 7.02
N ASN A 430 16.16 19.20 5.78
CA ASN A 430 15.39 20.40 5.41
C ASN A 430 13.88 20.13 5.49
N GLU A 431 13.46 18.93 5.10
CA GLU A 431 12.05 18.56 5.18
C GLU A 431 11.61 18.42 6.64
N ALA A 432 12.46 17.77 7.45
CA ALA A 432 12.21 17.60 8.89
C ALA A 432 12.09 18.94 9.58
N TRP A 433 12.96 19.87 9.20
CA TRP A 433 12.96 21.24 9.72
C TRP A 433 11.65 21.95 9.39
N ALA A 434 11.17 21.81 8.15
CA ALA A 434 9.90 22.38 7.75
C ALA A 434 8.73 21.82 8.57
N ASP A 435 8.66 20.49 8.68
CA ASP A 435 7.65 19.84 9.51
C ASP A 435 7.72 20.24 10.98
N TYR A 436 8.93 20.38 11.52
CA TYR A 436 9.08 20.84 12.91
C TYR A 436 8.51 22.24 13.10
N ARG A 437 8.77 23.11 12.14
CA ARG A 437 8.27 24.49 12.23
C ARG A 437 6.75 24.60 12.03
N ARG A 438 6.19 23.82 11.09
CA ARG A 438 4.75 23.78 10.85
C ARG A 438 3.97 23.19 12.02
N THR A 439 4.48 22.10 12.59
CA THR A 439 3.72 21.28 13.53
C THR A 439 4.19 21.33 14.97
N GLY A 440 5.47 21.59 15.19
CA GLY A 440 6.06 21.48 16.52
C GLY A 440 6.51 20.07 16.86
N TYR A 441 6.43 19.17 15.89
CA TYR A 441 6.80 17.78 16.10
C TYR A 441 7.95 17.35 15.18
N PRO A 442 8.79 16.41 15.64
CA PRO A 442 8.78 15.83 16.97
C PRO A 442 9.31 16.83 18.00
N LYS A 443 9.18 16.49 19.27
CA LYS A 443 9.59 17.37 20.35
C LYS A 443 11.12 17.34 20.48
N LEU A 444 11.78 18.16 19.68
CA LEU A 444 13.24 18.16 19.62
C LEU A 444 13.83 18.76 20.89
N LEU A 445 15.04 18.33 21.24
CA LEU A 445 15.74 18.88 22.38
C LEU A 445 16.06 20.36 22.16
N PRO A 446 16.13 21.14 23.25
CA PRO A 446 16.53 22.54 23.11
C PRO A 446 18.04 22.70 23.01
N ALA A 447 18.50 23.82 22.46
CA ALA A 447 19.91 24.23 22.58
C ALA A 447 20.23 24.38 24.05
N THR A 448 21.51 24.26 24.39
CA THR A 448 21.96 24.50 25.76
C THR A 448 22.17 26.00 25.98
N SER A 449 22.31 26.38 27.23
CA SER A 449 22.55 27.77 27.59
C SER A 449 23.84 28.30 26.96
N GLU A 450 24.93 27.55 27.11
CA GLU A 450 26.21 27.91 26.50
C GLU A 450 26.21 27.80 24.98
N GLY A 451 25.42 26.86 24.45
CA GLY A 451 25.35 26.61 23.02
C GLY A 451 24.52 27.59 22.23
N ASN A 452 23.62 28.31 22.90
CA ASN A 452 22.84 29.34 22.23
C ASN A 452 23.65 30.63 22.20
N LEU A 453 24.28 30.91 21.07
CA LEU A 453 25.09 32.10 20.88
C LEU A 453 24.36 33.18 20.08
N SER A 454 23.03 33.24 20.22
CA SER A 454 22.21 34.21 19.49
C SER A 454 22.12 35.57 20.19
N GLY A 455 22.75 35.70 21.35
CA GLY A 455 22.65 36.94 22.12
C GLY A 455 21.23 37.23 22.57
N GLY A 456 20.40 36.17 22.67
CA GLY A 456 19.01 36.29 23.12
C GLY A 456 17.93 36.27 22.04
N ILE A 457 18.33 36.33 20.76
CA ILE A 457 17.39 36.43 19.67
C ILE A 457 16.63 35.12 19.44
N VAL A 458 17.32 33.99 19.55
CA VAL A 458 16.73 32.69 19.29
C VAL A 458 16.34 32.04 20.61
N ASP A 459 15.11 31.53 20.65
CA ASP A 459 14.61 30.82 21.81
C ASP A 459 15.13 29.38 21.71
N SER A 460 15.86 28.95 22.73
CA SER A 460 16.48 27.62 22.72
C SER A 460 15.50 26.48 22.52
N GLU A 461 14.25 26.68 22.95
CA GLU A 461 13.20 25.67 22.84
C GLU A 461 12.52 25.64 21.48
N LYS A 462 12.68 26.70 20.70
CA LYS A 462 12.08 26.80 19.36
C LYS A 462 13.08 26.68 18.25
N GLY A 463 14.33 27.08 18.52
CA GLY A 463 15.39 27.01 17.51
C GLY A 463 15.25 28.02 16.37
N ALA A 464 16.06 27.81 15.34
CA ALA A 464 16.08 28.69 14.20
C ALA A 464 14.82 28.47 13.35
N ARG A 465 14.15 29.57 13.04
CA ARG A 465 12.87 29.53 12.32
C ARG A 465 13.04 29.84 10.83
N ARG A 466 14.18 30.41 10.48
CA ARG A 466 14.52 30.74 9.10
C ARG A 466 15.97 31.20 9.06
N MSE A 467 16.50 31.36 7.85
CA MSE A 467 17.83 31.94 7.67
C MSE A 467 17.65 33.40 7.38
O MSE A 467 16.64 33.78 6.75
CB MSE A 467 18.55 31.28 6.50
CG MSE A 467 18.88 29.79 6.72
SE MSE A 467 20.17 29.52 8.18
CE MSE A 467 18.90 29.01 9.61
N PRO A 468 18.60 34.24 7.82
CA PRO A 468 18.53 35.66 7.47
C PRO A 468 18.89 35.84 6.00
N TYR A 469 18.41 36.91 5.39
CA TYR A 469 18.73 37.18 3.99
C TYR A 469 20.23 37.46 3.81
N PRO A 470 20.79 37.11 2.64
CA PRO A 470 22.21 37.37 2.37
C PRO A 470 22.54 38.87 2.42
N SER A 471 23.72 39.18 2.95
CA SER A 471 24.18 40.56 2.99
CA SER A 471 24.18 40.57 2.99
C SER A 471 24.33 41.08 1.56
N GLU A 472 24.72 40.19 0.65
CA GLU A 472 24.85 40.52 -0.77
C GLU A 472 23.61 41.20 -1.32
N GLU A 473 22.43 40.81 -0.84
CA GLU A 473 21.18 41.37 -1.32
C GLU A 473 20.94 42.80 -0.83
N TYR A 474 21.37 43.11 0.40
CA TYR A 474 21.29 44.48 0.91
C TYR A 474 22.22 45.42 0.12
N THR A 475 23.32 44.86 -0.39
CA THR A 475 24.29 45.61 -1.19
C THR A 475 23.80 45.85 -2.61
N SER A 476 23.37 44.78 -3.28
CA SER A 476 23.12 44.83 -4.72
C SER A 476 21.65 44.86 -5.12
N ASN A 477 20.74 44.67 -4.16
CA ASN A 477 19.30 44.60 -4.43
C ASN A 477 18.52 45.23 -3.29
N THR A 478 19.01 46.38 -2.85
CA THR A 478 18.59 46.99 -1.60
C THR A 478 17.10 47.25 -1.48
N GLU A 479 16.52 47.93 -2.46
CA GLU A 479 15.11 48.29 -2.43
C GLU A 479 14.20 47.05 -2.36
N ASN A 480 14.56 46.00 -3.10
CA ASN A 480 13.71 44.82 -3.19
C ASN A 480 13.77 43.97 -1.92
N VAL A 481 14.95 43.74 -1.38
CA VAL A 481 15.06 42.95 -0.14
C VAL A 481 14.41 43.71 1.02
N GLN A 482 14.55 45.03 1.04
CA GLN A 482 13.88 45.85 2.05
C GLN A 482 12.35 45.77 1.95
N GLU A 483 11.83 45.72 0.72
CA GLU A 483 10.39 45.51 0.52
C GLU A 483 9.95 44.17 1.10
N ALA A 484 10.70 43.11 0.78
CA ALA A 484 10.41 41.80 1.34
C ALA A 484 10.35 41.84 2.87
N VAL A 485 11.35 42.44 3.50
CA VAL A 485 11.40 42.52 4.98
C VAL A 485 10.28 43.38 5.55
N ASN A 486 10.06 44.56 4.97
CA ASN A 486 9.05 45.49 5.51
C ASN A 486 7.60 45.12 5.18
N SER A 487 7.36 44.52 4.01
CA SER A 487 5.99 44.22 3.59
C SER A 487 5.60 42.76 3.71
N TYR A 488 6.54 41.85 3.46
CA TYR A 488 6.21 40.43 3.33
C TYR A 488 6.62 39.55 4.52
N LEU A 489 7.70 39.88 5.20
CA LEU A 489 8.27 38.97 6.22
C LEU A 489 7.51 38.97 7.55
N GLY A 490 6.88 40.09 7.89
CA GLY A 490 6.10 40.18 9.12
C GLY A 490 6.94 40.04 10.38
N GLY A 491 8.18 40.49 10.30
CA GLY A 491 9.08 40.45 11.45
C GLY A 491 10.47 40.85 11.00
N PRO A 492 11.40 40.98 11.95
CA PRO A 492 12.77 41.34 11.59
C PRO A 492 13.48 40.24 10.79
N ASP A 493 14.47 40.64 10.02
CA ASP A 493 15.26 39.73 9.18
C ASP A 493 16.31 39.03 10.05
N ASN A 494 15.88 38.05 10.83
CA ASN A 494 16.76 37.25 11.68
C ASN A 494 16.22 35.81 11.80
N MSE A 495 16.85 34.99 12.64
CA MSE A 495 16.49 33.58 12.77
C MSE A 495 15.31 33.31 13.68
O MSE A 495 14.86 32.16 13.79
CB MSE A 495 17.68 32.78 13.30
CG MSE A 495 18.83 32.69 12.31
SE MSE A 495 20.17 31.46 13.06
CE MSE A 495 21.62 31.61 11.75
N ALA A 496 14.76 34.35 14.30
CA ALA A 496 13.61 34.18 15.19
C ALA A 496 12.28 34.33 14.49
N THR A 497 12.25 34.98 13.32
CA THR A 497 11.01 35.30 12.62
C THR A 497 10.52 34.10 11.80
N ASP A 498 9.25 33.72 11.99
CA ASP A 498 8.70 32.54 11.30
C ASP A 498 8.33 32.88 9.86
N VAL A 499 8.40 31.88 8.99
CA VAL A 499 7.97 32.02 7.61
C VAL A 499 6.45 31.89 7.53
N TRP A 500 5.89 32.34 6.41
CA TRP A 500 4.44 32.44 6.24
C TRP A 500 3.67 31.19 6.63
N TRP A 501 4.05 30.03 6.10
CA TRP A 501 3.30 28.81 6.40
C TRP A 501 3.53 28.32 7.83
N ALA A 502 4.49 28.90 8.55
CA ALA A 502 4.76 28.53 9.94
C ALA A 502 4.20 29.51 10.96
N ARG A 503 3.60 30.62 10.50
CA ARG A 503 3.12 31.66 11.41
C ARG A 503 1.91 31.18 12.20
N LYS A 504 1.99 31.28 13.53
CA LYS A 504 0.93 30.82 14.42
C LYS A 504 0.12 32.01 14.93
N ASP B 13 -29.57 -0.03 28.89
CA ASP B 13 -30.27 -1.25 29.36
C ASP B 13 -30.64 -2.17 28.17
N LEU B 14 -30.37 -3.46 28.31
CA LEU B 14 -30.52 -4.40 27.19
C LEU B 14 -31.98 -4.70 26.87
N THR B 15 -32.27 -4.77 25.56
CA THR B 15 -33.61 -5.02 25.05
C THR B 15 -33.58 -6.24 24.14
N PRO B 16 -34.76 -6.82 23.85
CA PRO B 16 -34.82 -7.99 22.97
C PRO B 16 -34.05 -7.84 21.67
N ASP B 17 -34.11 -6.66 21.06
CA ASP B 17 -33.43 -6.44 19.79
C ASP B 17 -31.89 -6.48 19.92
N ASP B 18 -31.35 -6.23 21.11
CA ASP B 18 -29.89 -6.42 21.32
C ASP B 18 -29.51 -7.88 21.15
N TYR B 19 -30.24 -8.76 21.83
CA TYR B 19 -30.01 -10.20 21.73
C TYR B 19 -30.32 -10.72 20.33
N ALA B 20 -31.43 -10.28 19.75
CA ALA B 20 -31.85 -10.73 18.43
C ALA B 20 -30.78 -10.40 17.40
N LEU B 21 -30.21 -9.21 17.52
CA LEU B 21 -29.20 -8.75 16.60
C LEU B 21 -27.91 -9.59 16.53
N GLY B 22 -27.30 -9.86 17.68
CA GLY B 22 -26.10 -10.70 17.73
C GLY B 22 -26.25 -12.03 17.02
N SER B 23 -27.32 -12.75 17.37
CA SER B 23 -27.57 -14.07 16.79
CA SER B 23 -27.61 -14.07 16.79
C SER B 23 -27.83 -13.94 15.29
N ALA B 24 -28.55 -12.89 14.90
CA ALA B 24 -28.86 -12.66 13.47
C ALA B 24 -27.63 -12.38 12.63
N MSE B 25 -26.72 -11.56 13.15
CA MSE B 25 -25.52 -11.19 12.42
C MSE B 25 -24.61 -12.38 12.18
O MSE B 25 -24.09 -12.54 11.08
CB MSE B 25 -24.78 -10.05 13.13
CG MSE B 25 -25.56 -8.74 13.08
SE MSE B 25 -25.72 -8.04 11.23
CE MSE B 25 -26.11 -6.19 11.74
N SER B 26 -24.42 -13.22 13.19
CA SER B 26 -23.64 -14.47 13.01
CA SER B 26 -23.64 -14.45 13.00
C SER B 26 -24.34 -15.42 12.04
N ASN B 27 -25.65 -15.50 12.11
CA ASN B 27 -26.41 -16.33 11.16
C ASN B 27 -26.15 -15.89 9.72
N LEU B 28 -26.17 -14.57 9.51
CA LEU B 28 -25.96 -14.01 8.17
C LEU B 28 -24.55 -14.35 7.68
N ALA B 29 -23.56 -14.12 8.54
CA ALA B 29 -22.17 -14.45 8.21
C ALA B 29 -22.00 -15.93 7.78
N SER B 30 -22.72 -16.84 8.44
CA SER B 30 -22.66 -18.27 8.13
C SER B 30 -23.24 -18.64 6.76
N THR B 31 -23.95 -17.71 6.13
CA THR B 31 -24.50 -17.98 4.79
C THR B 31 -23.51 -17.77 3.65
N VAL B 32 -22.33 -17.24 3.97
CA VAL B 32 -21.23 -17.17 3.01
C VAL B 32 -20.58 -18.57 2.97
N ILE B 33 -19.76 -18.88 3.97
CA ILE B 33 -19.21 -20.21 4.14
C ILE B 33 -19.73 -20.72 5.49
N SER B 34 -20.48 -21.82 5.46
CA SER B 34 -21.20 -22.28 6.64
C SER B 34 -20.28 -22.84 7.70
N SER B 35 -20.68 -22.64 8.95
CA SER B 35 -20.03 -23.28 10.07
C SER B 35 -20.42 -24.75 10.18
N ASP B 36 -21.50 -25.13 9.49
CA ASP B 36 -21.88 -26.54 9.37
C ASP B 36 -20.89 -27.27 8.46
N VAL B 37 -20.21 -28.28 9.00
CA VAL B 37 -19.12 -28.93 8.28
C VAL B 37 -19.53 -29.46 6.92
N ASN B 38 -20.61 -30.23 6.88
CA ASN B 38 -21.04 -30.88 5.65
C ASN B 38 -21.51 -29.89 4.58
N THR B 39 -22.11 -28.77 5.00
CA THR B 39 -22.51 -27.71 4.05
C THR B 39 -21.26 -27.08 3.44
N ALA B 40 -20.32 -26.67 4.30
CA ALA B 40 -19.06 -26.11 3.83
C ALA B 40 -18.28 -27.10 2.97
N GLN B 41 -18.31 -28.38 3.34
CA GLN B 41 -17.65 -29.39 2.51
C GLN B 41 -18.18 -29.31 1.09
N PHE B 42 -19.50 -29.30 0.95
CA PHE B 42 -20.12 -29.26 -0.38
C PHE B 42 -19.81 -27.97 -1.16
N THR B 43 -19.97 -26.82 -0.52
CA THR B 43 -19.85 -25.54 -1.23
C THR B 43 -18.41 -25.21 -1.59
N ASP B 44 -17.47 -25.51 -0.70
CA ASP B 44 -16.10 -25.05 -0.85
C ASP B 44 -15.01 -26.13 -0.94
N CYS B 45 -15.24 -27.32 -0.35
CA CYS B 45 -14.25 -28.40 -0.44
C CYS B 45 -14.42 -29.30 -1.68
N LEU B 46 -15.67 -29.57 -2.04
CA LEU B 46 -15.98 -30.48 -3.13
C LEU B 46 -16.33 -29.74 -4.40
N LEU B 47 -16.79 -28.50 -4.26
CA LEU B 47 -17.19 -27.70 -5.42
C LEU B 47 -16.15 -26.62 -5.70
N GLY B 48 -16.11 -25.58 -4.88
CA GLY B 48 -15.22 -24.44 -5.14
C GLY B 48 -13.77 -24.85 -5.33
N GLY B 49 -13.23 -25.53 -4.32
CA GLY B 49 -11.81 -25.89 -4.29
C GLY B 49 -11.29 -26.56 -5.55
N PRO B 50 -11.89 -27.70 -5.93
CA PRO B 50 -11.46 -28.40 -7.14
C PRO B 50 -11.70 -27.62 -8.42
N LEU B 51 -12.88 -27.02 -8.57
CA LEU B 51 -13.19 -26.25 -9.77
C LEU B 51 -12.29 -25.01 -9.91
N GLY B 52 -11.80 -24.50 -8.77
CA GLY B 52 -10.87 -23.36 -8.77
C GLY B 52 -9.39 -23.72 -8.85
N GLY B 53 -9.08 -25.01 -8.80
CA GLY B 53 -7.70 -25.47 -8.95
C GLY B 53 -6.87 -25.53 -7.67
N TYR B 54 -7.51 -25.44 -6.51
CA TYR B 54 -6.82 -25.48 -5.23
C TYR B 54 -6.83 -26.86 -4.60
N PHE B 55 -7.97 -27.55 -4.71
CA PHE B 55 -8.25 -28.80 -3.99
C PHE B 55 -8.46 -29.96 -4.97
N ALA B 56 -8.30 -31.17 -4.47
CA ALA B 56 -8.60 -32.37 -5.25
C ALA B 56 -9.26 -33.42 -4.34
N ASP B 57 -10.34 -34.02 -4.84
CA ASP B 57 -11.06 -35.08 -4.13
C ASP B 57 -10.11 -36.26 -3.85
N SER B 58 -10.25 -36.88 -2.69
CA SER B 58 -9.38 -38.01 -2.32
C SER B 58 -10.10 -39.02 -1.42
N ASN B 59 -11.18 -39.58 -1.94
CA ASN B 59 -11.88 -40.69 -1.30
C ASN B 59 -12.24 -41.69 -2.38
N ALA B 60 -11.62 -42.87 -2.30
CA ALA B 60 -11.75 -43.92 -3.31
C ALA B 60 -13.19 -44.41 -3.44
N GLY B 61 -13.98 -44.26 -2.38
CA GLY B 61 -15.37 -44.69 -2.39
C GLY B 61 -16.34 -43.80 -3.18
N TRP B 62 -15.91 -42.61 -3.60
CA TRP B 62 -16.81 -41.70 -4.31
C TRP B 62 -16.85 -42.03 -5.80
N SER B 63 -17.94 -42.65 -6.23
CA SER B 63 -18.12 -42.98 -7.63
C SER B 63 -18.73 -41.81 -8.43
N ASN B 64 -19.37 -40.87 -7.72
CA ASN B 64 -19.96 -39.68 -8.33
C ASN B 64 -19.49 -38.40 -7.64
N THR B 65 -18.81 -37.52 -8.39
CA THR B 65 -18.33 -36.26 -7.84
C THR B 65 -18.54 -35.12 -8.81
N ILE B 66 -18.40 -33.90 -8.31
CA ILE B 66 -18.42 -32.71 -9.14
C ILE B 66 -17.18 -32.64 -10.04
N SER B 67 -16.02 -32.94 -9.47
CA SER B 67 -14.75 -32.95 -10.23
C SER B 67 -14.71 -33.96 -11.37
N ASN B 68 -15.42 -35.09 -11.22
CA ASN B 68 -15.51 -36.08 -12.28
C ASN B 68 -16.69 -35.81 -13.22
N PHE B 69 -17.47 -34.78 -12.91
CA PHE B 69 -18.59 -34.30 -13.75
C PHE B 69 -19.79 -35.26 -13.81
N ASN B 70 -19.92 -36.15 -12.84
CA ASN B 70 -21.07 -37.05 -12.77
C ASN B 70 -21.78 -36.96 -11.41
N ALA B 71 -21.67 -35.81 -10.76
CA ALA B 71 -22.21 -35.59 -9.43
C ALA B 71 -23.70 -35.82 -9.38
N THR B 72 -24.16 -36.39 -8.27
CA THR B 72 -25.60 -36.50 -8.03
C THR B 72 -26.15 -35.16 -7.54
N ASN B 73 -27.47 -35.05 -7.56
CA ASN B 73 -28.16 -33.81 -7.22
C ASN B 73 -27.88 -33.30 -5.81
N ASP B 74 -27.69 -34.22 -4.87
CA ASP B 74 -27.41 -33.83 -3.48
C ASP B 74 -26.06 -33.11 -3.31
N TRP B 75 -25.12 -33.34 -4.23
CA TRP B 75 -23.87 -32.57 -4.24
C TRP B 75 -24.05 -31.21 -4.90
N THR B 76 -24.78 -31.15 -6.01
CA THR B 76 -24.83 -29.93 -6.84
C THR B 76 -25.84 -28.87 -6.39
N ARG B 77 -26.88 -29.31 -5.67
CA ARG B 77 -28.00 -28.45 -5.31
C ARG B 77 -27.76 -27.52 -4.13
N VAL B 78 -26.66 -27.73 -3.41
CA VAL B 78 -26.55 -27.22 -2.05
C VAL B 78 -26.67 -25.69 -1.96
N PHE B 79 -25.94 -24.98 -2.83
CA PHE B 79 -26.01 -23.52 -2.83
C PHE B 79 -27.45 -23.00 -2.90
N LEU B 80 -28.26 -23.61 -3.75
CA LEU B 80 -29.62 -23.15 -4.00
C LEU B 80 -30.67 -23.74 -3.04
N ILE B 81 -30.38 -24.91 -2.47
CA ILE B 81 -31.37 -25.66 -1.67
C ILE B 81 -31.10 -25.63 -0.16
N SER B 82 -29.84 -25.66 0.25
CA SER B 82 -29.55 -25.78 1.69
C SER B 82 -30.22 -24.70 2.53
N ASP B 83 -30.91 -25.13 3.59
CA ASP B 83 -31.52 -24.24 4.56
C ASP B 83 -30.51 -23.33 5.24
N ARG B 84 -29.27 -23.78 5.30
CA ARG B 84 -28.20 -23.02 5.95
C ARG B 84 -27.70 -21.84 5.10
N ILE B 85 -28.22 -21.72 3.87
CA ILE B 85 -27.82 -20.64 2.99
C ILE B 85 -29.01 -19.69 2.79
N ILE B 86 -29.82 -19.89 1.75
CA ILE B 86 -30.85 -18.92 1.38
C ILE B 86 -31.90 -18.68 2.46
N SER B 87 -32.50 -19.75 2.95
CA SER B 87 -33.55 -19.63 3.96
C SER B 87 -33.01 -18.90 5.19
N THR B 88 -31.83 -19.30 5.66
CA THR B 88 -31.20 -18.63 6.79
C THR B 88 -30.90 -17.16 6.50
N LEU B 89 -30.43 -16.89 5.29
CA LEU B 89 -30.07 -15.52 4.90
C LEU B 89 -31.28 -14.59 4.96
N TYR B 90 -32.35 -14.93 4.25
CA TYR B 90 -33.52 -14.07 4.16
C TYR B 90 -34.32 -13.99 5.48
N GLY B 91 -34.38 -15.09 6.22
CA GLY B 91 -34.98 -15.05 7.55
C GLY B 91 -34.29 -14.04 8.45
N ASN B 92 -32.95 -14.06 8.45
CA ASN B 92 -32.18 -13.18 9.31
C ASN B 92 -32.08 -11.75 8.79
N LEU B 93 -32.08 -11.56 7.47
CA LEU B 93 -32.17 -10.20 6.91
C LEU B 93 -33.42 -9.49 7.43
N SER B 94 -34.54 -10.20 7.40
CA SER B 94 -35.81 -9.68 7.87
C SER B 94 -35.73 -9.19 9.33
N THR B 95 -35.06 -9.97 10.18
CA THR B 95 -34.88 -9.61 11.58
C THR B 95 -34.09 -8.30 11.71
N VAL B 96 -32.96 -8.22 11.03
CA VAL B 96 -32.07 -7.06 11.14
C VAL B 96 -32.77 -5.81 10.59
N LYS B 97 -33.53 -5.99 9.52
CA LYS B 97 -34.31 -4.90 8.95
C LYS B 97 -35.27 -4.29 9.95
N GLN B 98 -36.00 -5.17 10.66
CA GLN B 98 -36.91 -4.74 11.72
C GLN B 98 -36.18 -3.95 12.79
N VAL B 99 -35.04 -4.45 13.24
CA VAL B 99 -34.25 -3.76 14.26
C VAL B 99 -33.87 -2.35 13.78
N SER B 100 -33.37 -2.25 12.55
CA SER B 100 -32.95 -0.96 12.01
C SER B 100 -34.11 0.03 11.94
N GLU B 101 -35.22 -0.42 11.35
CA GLU B 101 -36.39 0.42 11.15
C GLU B 101 -37.11 0.82 12.43
N ASN B 102 -36.97 0.02 13.48
CA ASN B 102 -37.64 0.29 14.74
C ASN B 102 -36.76 0.89 15.83
N THR B 103 -35.47 1.08 15.54
CA THR B 103 -34.58 1.81 16.43
C THR B 103 -34.00 3.04 15.74
N ASN B 104 -34.53 3.38 14.57
CA ASN B 104 -34.01 4.51 13.79
C ASN B 104 -32.48 4.44 13.68
N ASN B 105 -31.99 3.24 13.38
CA ASN B 105 -30.55 3.02 13.24
C ASN B 105 -30.29 2.17 12.01
N PRO B 106 -29.90 2.81 10.89
CA PRO B 106 -29.73 2.10 9.64
C PRO B 106 -28.44 1.27 9.48
N VAL B 107 -27.52 1.33 10.45
CA VAL B 107 -26.24 0.65 10.34
C VAL B 107 -26.35 -0.88 10.23
N PRO B 108 -27.09 -1.52 11.15
CA PRO B 108 -27.14 -2.99 11.09
C PRO B 108 -27.65 -3.56 9.76
N TYR B 109 -28.75 -3.03 9.23
CA TYR B 109 -29.28 -3.53 7.96
C TYR B 109 -28.34 -3.25 6.79
N ALA B 110 -27.62 -2.13 6.84
CA ALA B 110 -26.65 -1.81 5.79
C ALA B 110 -25.52 -2.84 5.76
N ILE B 111 -25.04 -3.25 6.92
CA ILE B 111 -24.02 -4.29 7.03
C ILE B 111 -24.58 -5.63 6.58
N ALA B 112 -25.82 -5.92 6.98
CA ALA B 112 -26.46 -7.17 6.60
C ALA B 112 -26.58 -7.31 5.08
N GLN B 113 -26.86 -6.21 4.39
CA GLN B 113 -26.99 -6.23 2.92
C GLN B 113 -25.65 -6.52 2.23
N ILE B 114 -24.55 -6.11 2.85
CA ILE B 114 -23.22 -6.40 2.31
C ILE B 114 -22.98 -7.91 2.38
N ILE B 115 -23.35 -8.52 3.51
CA ILE B 115 -23.19 -9.96 3.72
C ILE B 115 -24.07 -10.74 2.77
N LYS B 116 -25.27 -10.20 2.53
CA LYS B 116 -26.19 -10.75 1.53
C LYS B 116 -25.50 -10.91 0.18
N VAL B 117 -24.80 -9.87 -0.27
CA VAL B 117 -24.15 -9.87 -1.59
C VAL B 117 -22.99 -10.86 -1.60
N ALA B 118 -22.23 -10.89 -0.51
CA ALA B 118 -21.13 -11.85 -0.36
C ALA B 118 -21.61 -13.28 -0.44
N ALA B 119 -22.78 -13.56 0.14
CA ALA B 119 -23.37 -14.89 0.13
C ALA B 119 -23.96 -15.26 -1.22
N MSE B 120 -24.78 -14.36 -1.78
CA MSE B 120 -25.57 -14.68 -2.98
C MSE B 120 -24.80 -14.56 -4.28
O MSE B 120 -25.22 -15.13 -5.29
CB MSE B 120 -26.80 -13.79 -3.04
CG MSE B 120 -27.74 -14.04 -1.87
SE MSE B 120 -28.49 -15.88 -1.92
CE MSE B 120 -29.74 -15.68 -3.44
N SER B 121 -23.68 -13.83 -4.29
CA SER B 121 -22.81 -13.76 -5.47
C SER B 121 -22.27 -15.16 -5.79
N ARG B 122 -21.88 -15.88 -4.75
CA ARG B 122 -21.44 -17.28 -4.87
C ARG B 122 -22.53 -18.16 -5.46
N VAL B 123 -23.78 -17.92 -5.07
CA VAL B 123 -24.92 -18.69 -5.58
C VAL B 123 -25.16 -18.43 -7.06
N THR B 124 -25.30 -17.17 -7.46
CA THR B 124 -25.52 -16.90 -8.90
C THR B 124 -24.30 -17.31 -9.73
N ASP B 125 -23.10 -17.16 -9.18
CA ASP B 125 -21.89 -17.52 -9.91
C ASP B 125 -21.79 -19.02 -10.15
N ALA B 126 -22.52 -19.80 -9.33
CA ALA B 126 -22.56 -21.26 -9.48
C ALA B 126 -23.56 -21.74 -10.54
N TYR B 127 -24.71 -21.07 -10.67
CA TYR B 127 -25.82 -21.54 -11.52
C TYR B 127 -26.12 -20.66 -12.73
N GLY B 128 -25.88 -19.37 -12.59
CA GLY B 128 -26.27 -18.38 -13.60
C GLY B 128 -27.54 -17.66 -13.17
N PRO B 129 -28.62 -17.75 -13.96
CA PRO B 129 -29.88 -17.14 -13.49
C PRO B 129 -30.35 -17.79 -12.19
N ILE B 130 -30.81 -16.99 -11.24
CA ILE B 130 -31.34 -17.48 -9.97
C ILE B 130 -32.52 -16.63 -9.50
N PRO B 131 -33.35 -17.21 -8.61
CA PRO B 131 -34.29 -16.35 -7.91
C PRO B 131 -33.50 -15.36 -7.05
N TYR B 132 -33.92 -14.11 -7.06
CA TYR B 132 -33.26 -13.10 -6.24
C TYR B 132 -34.24 -12.01 -5.86
N SER B 133 -34.58 -11.14 -6.81
CA SER B 133 -35.41 -9.96 -6.53
C SER B 133 -36.82 -10.34 -6.04
N LYS B 134 -37.33 -11.49 -6.46
CA LYS B 134 -38.67 -11.91 -6.09
C LYS B 134 -38.72 -12.80 -4.86
N ILE B 135 -37.58 -13.05 -4.21
CA ILE B 135 -37.58 -13.81 -2.97
C ILE B 135 -38.19 -12.93 -1.89
N GLY B 136 -39.33 -13.36 -1.35
CA GLY B 136 -40.04 -12.61 -0.33
C GLY B 136 -39.48 -12.79 1.06
N GLN B 137 -40.23 -12.28 2.04
CA GLN B 137 -39.83 -12.31 3.45
C GLN B 137 -39.55 -13.74 3.94
N ASP B 138 -40.37 -14.67 3.48
CA ASP B 138 -40.34 -16.07 3.92
C ASP B 138 -39.11 -16.87 3.46
N GLY B 139 -38.31 -16.31 2.55
CA GLY B 139 -37.09 -16.97 2.06
C GLY B 139 -37.33 -18.11 1.08
N LYS B 140 -38.55 -18.24 0.58
CA LYS B 140 -38.89 -19.31 -0.36
C LYS B 140 -38.42 -18.90 -1.76
N ILE B 141 -37.96 -19.88 -2.53
CA ILE B 141 -37.49 -19.63 -3.91
C ILE B 141 -38.49 -20.11 -4.97
N THR B 142 -39.73 -20.34 -4.56
CA THR B 142 -40.78 -20.81 -5.46
C THR B 142 -41.37 -19.64 -6.23
N ILE B 143 -40.51 -18.91 -6.94
CA ILE B 143 -40.91 -17.72 -7.67
C ILE B 143 -40.07 -17.59 -8.93
N PRO B 144 -40.43 -16.63 -9.82
CA PRO B 144 -39.66 -16.43 -11.04
C PRO B 144 -38.20 -16.03 -10.81
N TYR B 145 -37.33 -16.50 -11.69
CA TYR B 145 -35.89 -16.26 -11.59
C TYR B 145 -35.53 -14.90 -12.19
N ASP B 146 -34.42 -14.33 -11.74
CA ASP B 146 -33.79 -13.19 -12.40
C ASP B 146 -32.72 -13.68 -13.36
N THR B 147 -32.48 -12.89 -14.41
CA THR B 147 -31.29 -13.11 -15.23
C THR B 147 -30.08 -12.79 -14.35
N GLN B 148 -28.94 -13.38 -14.66
CA GLN B 148 -27.72 -13.08 -13.91
C GLN B 148 -27.35 -11.60 -13.97
N GLU B 149 -27.60 -10.96 -15.10
CA GLU B 149 -27.39 -9.52 -15.25
C GLU B 149 -28.24 -8.71 -14.28
N GLU B 150 -29.52 -9.08 -14.13
CA GLU B 150 -30.40 -8.40 -13.19
C GLU B 150 -29.93 -8.60 -11.75
N VAL B 151 -29.43 -9.80 -11.47
CA VAL B 151 -28.91 -10.11 -10.13
C VAL B 151 -27.71 -9.22 -9.81
N TYR B 152 -26.78 -9.09 -10.75
CA TYR B 152 -25.61 -8.23 -10.59
C TYR B 152 -25.99 -6.75 -10.47
N ASN B 153 -26.94 -6.29 -11.28
CA ASN B 153 -27.41 -4.91 -11.13
C ASN B 153 -27.94 -4.64 -9.72
N ALA B 154 -28.66 -5.61 -9.17
CA ALA B 154 -29.20 -5.49 -7.83
C ALA B 154 -28.06 -5.49 -6.80
N PHE B 155 -27.07 -6.37 -6.99
CA PHE B 155 -25.87 -6.37 -6.11
C PHE B 155 -25.25 -4.97 -6.02
N PHE B 156 -25.07 -4.31 -7.16
CA PHE B 156 -24.46 -2.98 -7.19
C PHE B 156 -25.32 -1.94 -6.49
N LYS B 157 -26.62 -2.02 -6.73
CA LYS B 157 -27.57 -1.13 -6.06
C LYS B 157 -27.51 -1.35 -4.55
N GLU B 158 -27.51 -2.60 -4.13
CA GLU B 158 -27.50 -2.92 -2.70
C GLU B 158 -26.21 -2.46 -2.01
N LEU B 159 -25.06 -2.74 -2.64
CA LEU B 159 -23.78 -2.29 -2.08
C LEU B 159 -23.71 -0.77 -2.01
N ASP B 160 -24.19 -0.08 -3.06
CA ASP B 160 -24.16 1.37 -3.06
C ASP B 160 -25.01 1.97 -1.95
N GLU B 161 -26.19 1.41 -1.71
CA GLU B 161 -27.03 1.83 -0.56
C GLU B 161 -26.28 1.67 0.75
N SER B 162 -25.68 0.50 0.96
CA SER B 162 -24.95 0.22 2.20
C SER B 162 -23.77 1.16 2.39
N ILE B 163 -23.03 1.39 1.31
CA ILE B 163 -21.87 2.27 1.35
C ILE B 163 -22.31 3.69 1.73
N GLU B 164 -23.36 4.18 1.08
CA GLU B 164 -23.84 5.53 1.37
C GLU B 164 -24.24 5.69 2.84
N VAL B 165 -25.06 4.76 3.33
CA VAL B 165 -25.56 4.80 4.70
C VAL B 165 -24.43 4.72 5.73
N LEU B 166 -23.55 3.75 5.55
CA LEU B 166 -22.45 3.55 6.49
C LEU B 166 -21.44 4.70 6.49
N THR B 167 -21.23 5.30 5.33
CA THR B 167 -20.32 6.43 5.23
C THR B 167 -20.91 7.67 5.91
N GLU B 168 -22.22 7.88 5.77
CA GLU B 168 -22.92 8.91 6.54
C GLU B 168 -22.82 8.66 8.04
N ASN B 169 -22.69 7.40 8.44
CA ASN B 169 -22.59 7.00 9.86
C ASN B 169 -21.24 6.38 10.20
N ARG B 170 -20.17 6.95 9.64
CA ARG B 170 -18.83 6.34 9.70
C ARG B 170 -18.26 6.19 11.12
N ASN B 171 -18.74 7.00 12.05
CA ASN B 171 -18.26 6.97 13.44
C ASN B 171 -19.17 6.17 14.36
N ALA B 172 -20.24 5.59 13.79
CA ALA B 172 -21.09 4.68 14.52
C ALA B 172 -20.40 3.33 14.64
N ALA B 173 -20.97 2.42 15.42
CA ALA B 173 -20.39 1.09 15.58
C ALA B 173 -21.45 0.07 15.95
N LEU B 174 -21.25 -1.17 15.51
CA LEU B 174 -21.97 -2.30 16.08
C LEU B 174 -21.20 -2.79 17.30
N VAL B 175 -21.90 -3.47 18.20
CA VAL B 175 -21.23 -4.13 19.33
C VAL B 175 -20.39 -5.30 18.80
N ALA B 176 -19.24 -5.54 19.43
CA ALA B 176 -18.29 -6.57 18.99
C ALA B 176 -18.95 -7.95 18.81
N SER B 177 -19.77 -8.33 19.78
CA SER B 177 -20.46 -9.62 19.77
C SER B 177 -21.45 -9.78 18.61
N ALA B 178 -21.83 -8.68 17.95
CA ALA B 178 -22.69 -8.73 16.77
C ALA B 178 -21.88 -8.78 15.48
N ASP B 179 -20.57 -9.05 15.55
CA ASP B 179 -19.73 -8.99 14.36
C ASP B 179 -18.34 -9.62 14.55
N PHE B 180 -18.21 -10.90 14.19
CA PHE B 180 -16.92 -11.60 14.27
C PHE B 180 -16.12 -11.52 12.97
N VAL B 181 -16.57 -10.66 12.05
CA VAL B 181 -15.73 -10.26 10.92
C VAL B 181 -14.90 -9.05 11.32
N TYR B 182 -15.55 -7.92 11.61
CA TYR B 182 -14.83 -6.67 11.86
C TYR B 182 -15.04 -6.06 13.25
N SER B 183 -15.64 -6.82 14.16
CA SER B 183 -15.92 -6.33 15.53
C SER B 183 -16.70 -5.02 15.56
N GLY B 184 -17.58 -4.85 14.59
CA GLY B 184 -18.49 -3.72 14.57
C GLY B 184 -17.92 -2.45 13.98
N ASN B 185 -16.74 -2.55 13.36
CA ASN B 185 -16.09 -1.38 12.78
C ASN B 185 -16.72 -1.03 11.44
N VAL B 186 -17.48 0.06 11.43
CA VAL B 186 -18.27 0.45 10.27
C VAL B 186 -17.41 0.80 9.05
N GLN B 187 -16.25 1.41 9.27
CA GLN B 187 -15.40 1.82 8.18
C GLN B 187 -14.78 0.62 7.45
N LYS B 188 -14.45 -0.43 8.18
CA LYS B 188 -13.95 -1.66 7.56
C LYS B 188 -15.04 -2.32 6.71
N TRP B 189 -16.28 -2.23 7.17
CA TRP B 189 -17.41 -2.73 6.40
C TRP B 189 -17.56 -1.97 5.09
N VAL B 190 -17.40 -0.65 5.13
CA VAL B 190 -17.42 0.12 3.88
C VAL B 190 -16.29 -0.31 2.94
N LYS B 191 -15.09 -0.52 3.48
CA LYS B 191 -13.96 -0.96 2.67
C LYS B 191 -14.23 -2.28 1.98
N PHE B 192 -14.86 -3.20 2.72
CA PHE B 192 -15.21 -4.50 2.17
C PHE B 192 -16.28 -4.34 1.10
N ALA B 193 -17.25 -3.47 1.34
CA ALA B 193 -18.30 -3.21 0.34
C ALA B 193 -17.72 -2.66 -0.97
N ASN B 194 -16.84 -1.67 -0.88
CA ASN B 194 -16.15 -1.14 -2.08
C ASN B 194 -15.31 -2.21 -2.76
N SER B 195 -14.69 -3.07 -1.96
CA SER B 195 -13.83 -4.13 -2.50
C SER B 195 -14.64 -5.19 -3.24
N LEU B 196 -15.74 -5.59 -2.61
CA LEU B 196 -16.69 -6.51 -3.22
C LEU B 196 -17.29 -5.91 -4.48
N LYS B 197 -17.61 -4.61 -4.43
CA LYS B 197 -18.07 -3.88 -5.61
C LYS B 197 -17.04 -3.97 -6.75
N LEU B 198 -15.76 -3.83 -6.43
CA LEU B 198 -14.71 -3.93 -7.46
C LEU B 198 -14.59 -5.36 -8.02
N ARG B 199 -14.72 -6.36 -7.15
CA ARG B 199 -14.66 -7.77 -7.57
C ARG B 199 -15.74 -8.06 -8.60
N LEU B 200 -16.95 -7.60 -8.29
CA LEU B 200 -18.11 -7.91 -9.10
C LEU B 200 -18.08 -7.10 -10.38
N ALA B 201 -17.51 -5.90 -10.32
CA ALA B 201 -17.33 -5.07 -11.51
C ALA B 201 -16.40 -5.75 -12.51
N ILE B 202 -15.25 -6.20 -12.02
CA ILE B 202 -14.30 -6.92 -12.87
C ILE B 202 -14.89 -8.24 -13.38
N ARG B 203 -15.74 -8.89 -12.57
CA ARG B 203 -16.43 -10.10 -12.98
C ARG B 203 -17.17 -9.90 -14.30
N ILE B 204 -17.81 -8.73 -14.45
CA ILE B 204 -18.64 -8.47 -15.61
C ILE B 204 -17.95 -7.64 -16.69
N ALA B 205 -16.64 -7.45 -16.55
CA ALA B 205 -15.90 -6.51 -17.41
C ALA B 205 -15.82 -6.94 -18.89
N ASN B 206 -15.86 -8.25 -19.17
CA ASN B 206 -15.88 -8.71 -20.56
C ASN B 206 -17.23 -8.54 -21.20
N VAL B 207 -18.30 -8.85 -20.47
CA VAL B 207 -19.65 -8.80 -21.05
C VAL B 207 -20.33 -7.44 -20.92
N SER B 208 -20.02 -6.69 -19.86
CA SER B 208 -20.63 -5.39 -19.65
C SER B 208 -19.57 -4.33 -19.30
N PRO B 209 -18.74 -3.95 -20.30
CA PRO B 209 -17.60 -3.09 -20.03
C PRO B 209 -17.96 -1.71 -19.47
N ALA B 210 -19.01 -1.09 -19.98
CA ALA B 210 -19.39 0.25 -19.53
C ALA B 210 -19.83 0.24 -18.07
N LYS B 211 -20.61 -0.77 -17.69
CA LYS B 211 -21.07 -0.91 -16.32
C LYS B 211 -19.89 -1.20 -15.39
N ALA B 212 -19.03 -2.12 -15.83
CA ALA B 212 -17.84 -2.50 -15.08
C ALA B 212 -16.97 -1.29 -14.76
N LYS B 213 -16.74 -0.46 -15.78
CA LYS B 213 -15.95 0.76 -15.63
C LYS B 213 -16.54 1.70 -14.59
N GLU B 214 -17.85 1.94 -14.72
CA GLU B 214 -18.54 2.82 -13.80
C GLU B 214 -18.42 2.33 -12.36
N MSE B 215 -18.60 1.03 -12.16
CA MSE B 215 -18.61 0.45 -10.81
C MSE B 215 -17.20 0.35 -10.27
O MSE B 215 -16.96 0.67 -9.11
CB MSE B 215 -19.30 -0.91 -10.80
CG MSE B 215 -20.77 -0.84 -11.26
SE MSE B 215 -21.89 0.03 -9.90
CE MSE B 215 -22.04 1.84 -10.65
N ALA B 216 -16.27 -0.12 -11.10
CA ALA B 216 -14.85 -0.22 -10.68
C ALA B 216 -14.29 1.16 -10.29
N GLU B 217 -14.50 2.16 -11.15
CA GLU B 217 -13.94 3.49 -10.90
C GLU B 217 -14.63 4.18 -9.73
N SER B 218 -15.93 3.95 -9.59
CA SER B 218 -16.68 4.43 -8.44
C SER B 218 -16.15 3.85 -7.11
N ALA B 219 -15.85 2.56 -7.10
CA ALA B 219 -15.33 1.91 -5.90
C ALA B 219 -14.05 2.58 -5.42
N VAL B 220 -13.09 2.72 -6.35
CA VAL B 220 -11.78 3.30 -6.01
C VAL B 220 -11.82 4.81 -5.77
N ASN B 221 -12.90 5.48 -6.17
CA ASN B 221 -13.05 6.91 -5.89
C ASN B 221 -13.60 7.22 -4.51
N HIS B 222 -14.08 6.20 -3.80
CA HIS B 222 -14.80 6.42 -2.57
C HIS B 222 -13.85 6.90 -1.46
N GLU B 223 -14.33 7.84 -0.66
CA GLU B 223 -13.47 8.48 0.35
C GLU B 223 -12.85 7.56 1.40
N LEU B 224 -13.45 6.40 1.64
CA LEU B 224 -12.93 5.46 2.65
C LEU B 224 -12.08 4.34 2.07
N GLY B 225 -12.02 4.26 0.74
CA GLY B 225 -11.10 3.33 0.11
C GLY B 225 -11.54 1.88 0.19
N LEU B 226 -10.62 1.00 -0.18
CA LEU B 226 -10.86 -0.42 -0.23
C LEU B 226 -10.03 -1.13 0.83
N ILE B 227 -10.08 -2.47 0.83
CA ILE B 227 -9.22 -3.24 1.73
C ILE B 227 -7.81 -3.15 1.19
N GLU B 228 -6.94 -2.48 1.96
CA GLU B 228 -5.58 -2.23 1.55
C GLU B 228 -4.54 -2.86 2.47
N THR B 229 -4.96 -3.25 3.66
CA THR B 229 -4.04 -3.84 4.63
C THR B 229 -4.60 -5.18 5.06
N ASN B 230 -3.70 -6.10 5.40
CA ASN B 230 -4.11 -7.41 5.88
C ASN B 230 -4.90 -7.36 7.20
N ALA B 231 -4.70 -6.31 7.99
CA ALA B 231 -5.50 -6.10 9.21
C ALA B 231 -6.98 -5.93 8.93
N ASP B 232 -7.32 -5.57 7.68
CA ASP B 232 -8.70 -5.36 7.27
C ASP B 232 -9.24 -6.44 6.32
N ASN B 233 -8.54 -7.57 6.19
CA ASN B 233 -9.05 -8.69 5.41
C ASN B 233 -10.42 -9.13 5.92
N ALA B 234 -11.34 -9.43 5.01
CA ALA B 234 -12.65 -9.92 5.42
C ALA B 234 -12.54 -11.40 5.73
N THR B 235 -12.47 -11.72 7.01
CA THR B 235 -12.40 -13.10 7.49
C THR B 235 -13.39 -13.25 8.64
N TRP B 236 -14.06 -14.39 8.72
CA TRP B 236 -15.02 -14.64 9.76
C TRP B 236 -14.32 -15.36 10.90
N LYS B 237 -14.09 -14.63 12.00
CA LYS B 237 -13.27 -15.09 13.12
C LYS B 237 -14.14 -15.78 14.16
N TYR B 238 -14.79 -16.86 13.74
CA TYR B 238 -15.84 -17.52 14.52
C TYR B 238 -15.42 -18.78 15.29
N PHE B 239 -14.18 -19.21 15.11
CA PHE B 239 -13.76 -20.56 15.48
C PHE B 239 -12.72 -20.60 16.61
N GLY B 240 -12.44 -21.79 17.11
CA GLY B 240 -11.60 -21.93 18.32
C GLY B 240 -12.31 -22.80 19.34
N THR B 241 -13.53 -22.42 19.70
CA THR B 241 -14.42 -23.28 20.47
C THR B 241 -15.17 -24.15 19.48
N ILE B 242 -15.76 -23.52 18.48
CA ILE B 242 -16.35 -24.20 17.33
C ILE B 242 -15.21 -24.44 16.34
N SER B 243 -15.16 -25.64 15.77
CA SER B 243 -14.09 -26.02 14.83
CA SER B 243 -14.09 -26.00 14.83
C SER B 243 -14.33 -25.41 13.44
N ASN B 244 -13.28 -24.89 12.83
CA ASN B 244 -13.32 -24.41 11.45
C ASN B 244 -13.86 -25.55 10.59
N PRO B 245 -14.90 -25.29 9.77
CA PRO B 245 -15.54 -26.36 9.01
C PRO B 245 -14.68 -26.94 7.89
N LEU B 246 -13.81 -26.12 7.30
CA LEU B 246 -12.90 -26.56 6.26
C LEU B 246 -11.86 -27.53 6.86
N PHE B 247 -11.37 -27.20 8.04
CA PHE B 247 -10.48 -28.09 8.77
C PHE B 247 -11.09 -29.49 8.91
N VAL B 248 -12.33 -29.56 9.39
CA VAL B 248 -12.96 -30.86 9.66
C VAL B 248 -13.17 -31.61 8.34
N ALA B 249 -13.69 -30.90 7.34
CA ALA B 249 -14.01 -31.51 6.05
C ALA B 249 -12.79 -32.11 5.33
N VAL B 250 -11.70 -31.36 5.24
CA VAL B 250 -10.51 -31.85 4.53
C VAL B 250 -9.78 -32.94 5.34
N ARG B 251 -9.97 -32.95 6.65
CA ARG B 251 -9.38 -33.99 7.51
C ARG B 251 -10.22 -35.27 7.62
N TYR B 252 -11.47 -35.26 7.14
CA TYR B 252 -12.31 -36.47 7.20
C TYR B 252 -11.53 -37.68 6.66
N ASN B 253 -11.61 -38.81 7.37
CA ASN B 253 -11.00 -40.08 6.93
C ASN B 253 -9.48 -40.02 6.82
N GLU B 254 -8.90 -39.10 7.60
CA GLU B 254 -7.47 -38.89 7.72
C GLU B 254 -6.62 -40.17 7.80
N GLU B 255 -7.06 -41.13 8.63
CA GLU B 255 -6.23 -42.31 8.91
CA GLU B 255 -6.27 -42.33 8.93
C GLU B 255 -6.00 -43.18 7.68
N ALA B 256 -7.01 -43.27 6.81
CA ALA B 256 -6.91 -44.06 5.60
C ALA B 256 -6.27 -43.29 4.44
N SER B 257 -6.78 -42.09 4.18
CA SER B 257 -6.45 -41.34 2.95
C SER B 257 -5.56 -40.12 3.16
N GLY B 258 -5.33 -39.74 4.42
CA GLY B 258 -4.73 -38.44 4.73
C GLY B 258 -5.76 -37.31 4.73
N GLY B 259 -6.95 -37.58 4.16
CA GLY B 259 -8.02 -36.60 4.12
C GLY B 259 -8.94 -36.75 2.92
N ASP B 260 -10.20 -36.34 3.06
CA ASP B 260 -11.17 -36.38 1.96
C ASP B 260 -10.80 -35.43 0.83
N THR B 261 -9.97 -34.44 1.13
CA THR B 261 -9.58 -33.43 0.17
C THR B 261 -8.09 -33.13 0.37
N HIS B 262 -7.33 -33.14 -0.73
CA HIS B 262 -5.92 -32.75 -0.73
C HIS B 262 -5.72 -31.52 -1.58
N PRO B 263 -4.57 -30.84 -1.41
CA PRO B 263 -4.22 -29.75 -2.32
C PRO B 263 -4.02 -30.27 -3.75
N ALA B 264 -4.42 -29.46 -4.71
CA ALA B 264 -4.40 -29.87 -6.11
C ALA B 264 -2.99 -29.82 -6.70
N ALA B 265 -2.74 -30.70 -7.65
CA ALA B 265 -1.47 -30.70 -8.39
C ALA B 265 -1.17 -29.32 -9.00
N ASP B 266 -2.21 -28.65 -9.49
CA ASP B 266 -2.06 -27.39 -10.22
C ASP B 266 -1.33 -26.35 -9.38
N ILE B 267 -1.90 -26.01 -8.23
CA ILE B 267 -1.35 -24.97 -7.35
CA ILE B 267 -1.34 -24.97 -7.37
C ILE B 267 0.09 -25.30 -6.93
N ILE B 268 0.34 -26.56 -6.60
CA ILE B 268 1.68 -26.97 -6.14
C ILE B 268 2.72 -26.94 -7.27
N CYS B 269 2.30 -27.30 -8.49
CA CYS B 269 3.18 -27.22 -9.67
C CYS B 269 3.67 -25.79 -9.94
N TYR B 270 2.76 -24.83 -9.85
CA TYR B 270 3.10 -23.43 -10.05
C TYR B 270 4.06 -22.98 -8.95
N MSE B 271 3.74 -23.30 -7.70
CA MSE B 271 4.50 -22.79 -6.56
C MSE B 271 5.86 -23.47 -6.44
O MSE B 271 6.84 -22.82 -6.07
CB MSE B 271 3.68 -22.91 -5.28
CG MSE B 271 2.52 -21.91 -5.30
SE MSE B 271 1.36 -22.08 -3.72
CE MSE B 271 2.38 -20.94 -2.48
N ASN B 272 5.93 -24.76 -6.78
CA ASN B 272 7.22 -25.46 -6.83
C ASN B 272 8.14 -24.85 -7.90
N GLY B 273 7.60 -24.67 -9.10
CA GLY B 273 8.36 -24.06 -10.19
C GLY B 273 8.91 -22.69 -9.82
N TYR B 274 8.12 -21.91 -9.10
CA TYR B 274 8.54 -20.57 -8.67
C TYR B 274 9.31 -20.57 -7.35
N ASN B 275 9.56 -21.74 -6.76
CA ASN B 275 10.25 -21.82 -5.47
C ASN B 275 9.62 -20.88 -4.44
N ASP B 276 8.29 -20.93 -4.40
CA ASP B 276 7.47 -19.97 -3.69
C ASP B 276 7.54 -20.22 -2.18
N ASN B 277 7.97 -19.21 -1.42
CA ASN B 277 8.13 -19.37 0.03
C ASN B 277 6.81 -19.43 0.79
N ARG B 278 5.69 -19.19 0.10
CA ARG B 278 4.37 -19.37 0.72
C ARG B 278 3.96 -20.84 0.86
N ARG B 279 4.65 -21.76 0.18
CA ARG B 279 4.29 -23.18 0.25
C ARG B 279 4.21 -23.74 1.68
N ALA B 280 5.17 -23.37 2.51
CA ALA B 280 5.20 -23.81 3.92
C ALA B 280 3.98 -23.35 4.72
N SER B 281 3.34 -22.26 4.29
CA SER B 281 2.13 -21.78 4.94
C SER B 281 0.85 -22.43 4.38
N TYR B 282 0.92 -22.93 3.16
CA TYR B 282 -0.26 -23.48 2.48
C TYR B 282 -0.40 -24.97 2.72
N PHE B 283 0.72 -25.69 2.70
CA PHE B 283 0.71 -27.15 2.64
C PHE B 283 1.56 -27.82 3.72
N GLU B 284 1.20 -29.05 4.03
CA GLU B 284 2.05 -29.95 4.82
C GLU B 284 2.84 -30.79 3.82
N GLU B 285 4.02 -31.21 4.21
CA GLU B 285 4.93 -31.91 3.30
C GLU B 285 4.37 -33.27 2.94
N SER B 286 4.66 -33.72 1.72
CA SER B 286 4.25 -35.03 1.27
C SER B 286 5.13 -36.11 1.90
N LYS B 287 4.70 -37.36 1.77
CA LYS B 287 5.48 -38.53 2.19
C LYS B 287 6.24 -39.15 1.02
N TRP B 288 6.14 -38.56 -0.18
CA TRP B 288 6.86 -39.05 -1.35
C TRP B 288 8.35 -38.70 -1.25
N PRO B 289 9.24 -39.71 -1.36
CA PRO B 289 10.68 -39.46 -1.30
C PRO B 289 11.17 -38.38 -2.27
N GLY B 290 11.94 -37.42 -1.76
CA GLY B 290 12.57 -36.41 -2.60
C GLY B 290 11.70 -35.25 -3.05
N GLU B 291 10.43 -35.24 -2.67
CA GLU B 291 9.51 -34.19 -3.11
C GLU B 291 8.73 -33.63 -1.92
N THR B 292 9.17 -32.48 -1.43
CA THR B 292 8.56 -31.87 -0.26
C THR B 292 7.09 -31.61 -0.51
N TYR B 293 6.77 -30.97 -1.64
CA TYR B 293 5.37 -30.62 -1.95
C TYR B 293 4.89 -31.31 -3.23
N VAL B 294 3.86 -32.14 -3.08
CA VAL B 294 3.24 -32.83 -4.21
C VAL B 294 1.72 -32.75 -4.08
N GLY B 295 1.08 -32.17 -5.08
CA GLY B 295 -0.37 -32.09 -5.13
C GLY B 295 -1.00 -33.27 -5.83
N LEU B 296 -2.30 -33.44 -5.60
CA LEU B 296 -3.08 -34.53 -6.15
C LEU B 296 -3.83 -34.00 -7.37
N ARG B 297 -3.87 -34.79 -8.43
CA ARG B 297 -4.49 -34.35 -9.66
C ARG B 297 -6.02 -34.38 -9.59
N ARG B 298 -6.66 -33.38 -10.19
CA ARG B 298 -8.12 -33.27 -10.19
C ARG B 298 -8.71 -33.94 -11.41
N GLY B 299 -9.90 -34.52 -11.25
CA GLY B 299 -10.61 -35.13 -12.38
C GLY B 299 -9.95 -36.42 -12.82
N ILE B 300 -9.71 -37.30 -11.85
CA ILE B 300 -9.02 -38.56 -12.08
C ILE B 300 -9.88 -39.74 -11.65
N ASN B 301 -9.44 -40.94 -12.03
CA ASN B 301 -10.03 -42.18 -11.57
C ASN B 301 -9.65 -42.42 -10.11
N LEU B 302 -10.61 -42.22 -9.21
CA LEU B 302 -10.34 -42.23 -7.78
C LEU B 302 -10.07 -43.63 -7.21
N SER B 303 -10.79 -44.64 -7.69
CA SER B 303 -10.67 -46.00 -7.15
C SER B 303 -9.24 -46.51 -7.22
N LYS B 304 -8.55 -46.19 -8.31
CA LYS B 304 -7.18 -46.65 -8.52
C LYS B 304 -6.17 -46.01 -7.58
N MSE B 305 -6.55 -44.91 -6.94
CA MSE B 305 -5.63 -44.13 -6.10
C MSE B 305 -5.77 -44.42 -4.62
O MSE B 305 -5.13 -43.76 -3.80
CB MSE B 305 -5.90 -42.66 -6.38
CG MSE B 305 -5.22 -42.24 -7.69
SE MSE B 305 -3.27 -42.32 -7.47
CE MSE B 305 -3.09 -40.98 -6.03
N LYS B 306 -6.61 -45.39 -4.27
CA LYS B 306 -6.95 -45.66 -2.87
C LYS B 306 -5.74 -45.73 -1.94
N GLU B 307 -4.76 -46.54 -2.32
CA GLU B 307 -3.61 -46.81 -1.43
C GLU B 307 -2.56 -45.69 -1.46
N TYR B 308 -2.71 -44.73 -2.36
CA TYR B 308 -1.70 -43.70 -2.53
C TYR B 308 -2.08 -42.29 -2.02
N PHE B 309 -3.37 -42.02 -1.81
CA PHE B 309 -3.79 -40.67 -1.38
C PHE B 309 -2.96 -40.15 -0.21
N ILE B 310 -2.75 -41.02 0.77
CA ILE B 310 -2.10 -40.64 2.02
C ILE B 310 -0.69 -40.05 1.84
N ASN B 311 -0.01 -40.35 0.73
CA ASN B 311 1.36 -39.83 0.50
C ASN B 311 1.47 -38.38 0.04
N TYR B 312 0.39 -37.79 -0.43
CA TYR B 312 0.44 -36.45 -0.99
C TYR B 312 0.49 -35.39 0.11
N SER B 313 0.94 -34.19 -0.28
CA SER B 313 0.90 -33.04 0.61
C SER B 313 -0.54 -32.81 1.02
N ARG B 314 -0.73 -32.19 2.17
CA ARG B 314 -2.05 -31.92 2.70
C ARG B 314 -2.28 -30.44 2.87
N VAL B 315 -3.54 -30.08 3.07
CA VAL B 315 -3.92 -28.72 3.34
C VAL B 315 -3.42 -28.38 4.73
N LYS B 316 -2.67 -27.29 4.85
CA LYS B 316 -2.25 -26.84 6.16
C LYS B 316 -3.34 -25.93 6.71
N ILE B 317 -4.01 -26.38 7.76
CA ILE B 317 -5.14 -25.66 8.32
C ILE B 317 -5.35 -26.07 9.77
N SER B 318 -5.86 -25.14 10.58
CA SER B 318 -6.12 -25.39 11.99
C SER B 318 -7.59 -25.18 12.34
N SER B 319 -8.06 -25.91 13.34
CA SER B 319 -9.45 -25.86 13.78
C SER B 319 -9.91 -24.48 14.29
N SER B 320 -8.98 -23.60 14.65
CA SER B 320 -9.34 -22.26 15.13
C SER B 320 -9.18 -21.18 14.06
N ASP B 321 -8.71 -21.54 12.87
CA ASP B 321 -8.48 -20.55 11.81
C ASP B 321 -9.77 -19.82 11.45
N PRO B 322 -9.68 -18.50 11.18
CA PRO B 322 -10.80 -17.77 10.60
C PRO B 322 -11.08 -18.28 9.20
N VAL B 323 -12.28 -18.02 8.69
CA VAL B 323 -12.61 -18.39 7.32
C VAL B 323 -12.51 -17.13 6.46
N LEU B 324 -11.71 -17.21 5.39
CA LEU B 324 -11.46 -16.08 4.51
C LEU B 324 -12.62 -15.81 3.58
N TRP B 325 -13.02 -14.53 3.44
CA TRP B 325 -13.96 -14.10 2.40
C TRP B 325 -13.27 -13.30 1.28
N MSE B 326 -12.33 -12.43 1.66
CA MSE B 326 -11.64 -11.55 0.70
C MSE B 326 -10.45 -10.90 1.36
O MSE B 326 -10.55 -10.46 2.51
CB MSE B 326 -12.56 -10.44 0.21
CG MSE B 326 -11.96 -9.70 -0.99
SE MSE B 326 -13.26 -8.47 -1.83
CE MSE B 326 -12.18 -7.90 -3.36
N ASN B 327 -9.32 -10.86 0.66
CA ASN B 327 -8.09 -10.28 1.23
C ASN B 327 -7.61 -9.04 0.49
N ALA B 328 -6.65 -8.34 1.10
CA ALA B 328 -6.09 -7.12 0.52
C ALA B 328 -5.36 -7.40 -0.79
N ALA B 329 -4.73 -8.58 -0.91
CA ALA B 329 -3.99 -8.91 -2.11
C ALA B 329 -4.90 -8.91 -3.35
N GLU B 330 -6.09 -9.49 -3.22
CA GLU B 330 -7.04 -9.56 -4.34
C GLU B 330 -7.39 -8.16 -4.83
N VAL B 331 -7.59 -7.23 -3.90
CA VAL B 331 -7.93 -5.86 -4.26
C VAL B 331 -6.83 -5.25 -5.14
N ALA B 332 -5.58 -5.49 -4.77
CA ALA B 332 -4.45 -5.00 -5.56
C ALA B 332 -4.46 -5.64 -6.96
N PHE B 333 -4.68 -6.94 -7.03
CA PHE B 333 -4.67 -7.62 -8.31
C PHE B 333 -5.86 -7.19 -9.18
N LEU B 334 -7.00 -6.88 -8.55
CA LEU B 334 -8.16 -6.35 -9.26
C LEU B 334 -7.85 -5.00 -9.91
N ARG B 335 -7.22 -4.12 -9.14
CA ARG B 335 -6.81 -2.81 -9.66
C ARG B 335 -5.76 -2.96 -10.77
N ALA B 336 -4.85 -3.91 -10.60
CA ALA B 336 -3.85 -4.20 -11.63
C ALA B 336 -4.51 -4.59 -12.96
N GLU B 337 -5.53 -5.44 -12.90
CA GLU B 337 -6.23 -5.90 -14.11
C GLU B 337 -7.13 -4.82 -14.68
N ALA B 338 -7.81 -4.12 -13.78
CA ALA B 338 -8.66 -3.01 -14.19
C ALA B 338 -7.91 -2.00 -15.05
N THR B 339 -6.69 -1.61 -14.62
CA THR B 339 -5.87 -0.67 -15.39
CA THR B 339 -5.87 -0.68 -15.38
C THR B 339 -5.28 -1.31 -16.65
N ALA B 340 -4.58 -2.44 -16.47
CA ALA B 340 -3.79 -3.05 -17.55
C ALA B 340 -4.62 -3.68 -18.67
N ILE B 341 -5.72 -4.31 -18.32
CA ILE B 341 -6.51 -5.06 -19.29
C ILE B 341 -7.70 -4.24 -19.78
N TYR B 342 -8.36 -3.55 -18.86
CA TYR B 342 -9.62 -2.90 -19.17
C TYR B 342 -9.50 -1.39 -19.31
N GLY B 343 -8.33 -0.84 -19.00
CA GLY B 343 -8.09 0.60 -19.21
C GLY B 343 -8.87 1.51 -18.27
N PHE B 344 -9.28 1.00 -17.11
CA PHE B 344 -10.02 1.81 -16.15
C PHE B 344 -9.04 2.71 -15.38
N ASN B 345 -9.58 3.81 -14.86
CA ASN B 345 -8.78 4.77 -14.10
C ASN B 345 -8.72 4.34 -12.63
N MSE B 346 -7.60 3.73 -12.24
CA MSE B 346 -7.42 3.23 -10.87
C MSE B 346 -6.50 4.06 -10.04
O MSE B 346 -6.08 3.62 -8.96
CB MSE B 346 -6.82 1.82 -10.93
CG MSE B 346 -7.76 0.82 -11.59
SE MSE B 346 -9.25 0.40 -10.38
CE MSE B 346 -10.73 1.26 -11.37
N LYS B 347 -6.19 5.28 -10.49
CA LYS B 347 -5.33 6.20 -9.73
C LYS B 347 -3.99 5.58 -9.32
N GLY B 348 -3.39 4.86 -10.26
CA GLY B 348 -2.13 4.21 -10.04
C GLY B 348 -1.77 3.39 -11.24
N THR B 349 -0.70 2.61 -11.11
CA THR B 349 -0.16 1.86 -12.22
C THR B 349 -0.21 0.37 -11.97
N ALA B 350 -0.37 -0.39 -13.05
CA ALA B 350 -0.46 -1.84 -12.98
C ALA B 350 0.78 -2.45 -12.32
N ALA B 351 1.95 -1.94 -12.66
CA ALA B 351 3.21 -2.45 -12.10
C ALA B 351 3.19 -2.38 -10.57
N ASP B 352 2.73 -1.24 -10.03
CA ASP B 352 2.63 -1.06 -8.59
C ASP B 352 1.62 -2.02 -7.98
N PHE B 353 0.43 -2.09 -8.58
CA PHE B 353 -0.64 -2.91 -8.05
C PHE B 353 -0.27 -4.40 -8.02
N TYR B 354 0.36 -4.88 -9.10
CA TYR B 354 0.82 -6.25 -9.16
C TYR B 354 1.81 -6.55 -8.02
N GLU B 355 2.82 -5.72 -7.85
CA GLU B 355 3.81 -5.94 -6.79
C GLU B 355 3.21 -5.81 -5.40
N GLN B 356 2.33 -4.83 -5.21
CA GLN B 356 1.63 -4.66 -3.93
C GLN B 356 0.81 -5.90 -3.55
N GLY B 357 0.17 -6.51 -4.54
CA GLY B 357 -0.62 -7.72 -4.28
C GLY B 357 0.25 -8.85 -3.80
N VAL B 358 1.40 -9.03 -4.46
CA VAL B 358 2.31 -10.10 -4.13
C VAL B 358 2.95 -9.88 -2.74
N ARG B 359 3.34 -8.64 -2.47
CA ARG B 359 3.88 -8.26 -1.16
C ARG B 359 2.86 -8.47 -0.05
N LEU B 360 1.62 -8.06 -0.29
CA LEU B 360 0.55 -8.27 0.69
C LEU B 360 0.33 -9.76 0.98
N SER B 361 0.39 -10.57 -0.05
CA SER B 361 0.22 -12.01 0.11
C SER B 361 1.35 -12.62 0.94
N PHE B 362 2.59 -12.37 0.55
CA PHE B 362 3.75 -12.86 1.33
C PHE B 362 3.62 -12.44 2.79
N GLU B 363 3.29 -11.17 3.02
CA GLU B 363 3.12 -10.67 4.38
C GLU B 363 1.97 -11.37 5.11
N GLN B 364 0.85 -11.57 4.43
CA GLN B 364 -0.32 -12.26 4.99
C GLN B 364 0.06 -13.61 5.60
N TRP B 365 0.96 -14.32 4.94
CA TRP B 365 1.30 -15.68 5.31
C TRP B 365 2.64 -15.78 6.02
N GLY B 366 3.26 -14.64 6.31
CA GLY B 366 4.54 -14.61 7.02
C GLY B 366 5.72 -15.13 6.22
N ALA B 367 5.64 -15.11 4.89
CA ALA B 367 6.74 -15.57 4.04
C ALA B 367 7.71 -14.44 3.75
N THR B 368 8.99 -14.77 3.64
CA THR B 368 10.03 -13.79 3.30
C THR B 368 10.55 -14.04 1.89
N GLY B 369 11.47 -13.17 1.44
CA GLY B 369 12.11 -13.31 0.13
C GLY B 369 11.26 -12.84 -1.03
N VAL B 370 10.33 -11.93 -0.76
CA VAL B 370 9.44 -11.41 -1.80
C VAL B 370 10.19 -10.60 -2.88
N ASP B 371 11.24 -9.88 -2.49
CA ASP B 371 12.02 -9.10 -3.47
C ASP B 371 12.60 -10.01 -4.55
N SER B 372 13.29 -11.07 -4.13
CA SER B 372 13.83 -12.05 -5.06
CA SER B 372 13.84 -12.06 -5.05
C SER B 372 12.74 -12.70 -5.90
N TYR B 373 11.60 -12.98 -5.27
CA TYR B 373 10.47 -13.59 -5.95
C TYR B 373 9.98 -12.68 -7.07
N LEU B 374 9.77 -11.41 -6.76
CA LEU B 374 9.32 -10.42 -7.74
C LEU B 374 10.35 -10.10 -8.84
N ALA B 375 11.62 -10.35 -8.55
CA ALA B 375 12.68 -10.16 -9.55
C ALA B 375 12.88 -11.36 -10.46
N ASP B 376 12.18 -12.46 -10.21
CA ASP B 376 12.39 -13.69 -10.95
C ASP B 376 11.68 -13.67 -12.32
N GLU B 377 12.47 -13.58 -13.38
CA GLU B 377 11.95 -13.57 -14.73
C GLU B 377 12.26 -14.85 -15.50
N SER B 378 12.74 -15.89 -14.84
CA SER B 378 13.12 -17.15 -15.53
C SER B 378 12.42 -18.42 -15.02
N SER B 379 12.03 -18.47 -13.75
CA SER B 379 11.37 -19.65 -13.20
C SER B 379 9.98 -19.84 -13.80
N VAL B 380 9.65 -21.06 -14.18
CA VAL B 380 8.35 -21.38 -14.76
C VAL B 380 7.66 -22.45 -13.93
N PRO B 381 6.33 -22.55 -14.06
CA PRO B 381 5.58 -23.62 -13.39
C PRO B 381 6.15 -24.98 -13.76
N ALA B 382 6.25 -25.86 -12.78
CA ALA B 382 6.85 -27.18 -12.97
C ALA B 382 5.89 -28.13 -13.68
N LEU B 383 6.46 -29.15 -14.33
CA LEU B 383 5.69 -30.27 -14.87
C LEU B 383 5.04 -31.05 -13.73
N TYR B 384 4.00 -31.82 -14.06
CA TYR B 384 3.43 -32.75 -13.08
C TYR B 384 3.79 -34.19 -13.39
N LYS B 385 4.87 -34.64 -12.75
CA LYS B 385 5.25 -36.05 -12.77
C LYS B 385 4.61 -36.69 -11.54
N ASP B 386 3.57 -37.49 -11.76
CA ASP B 386 2.85 -38.15 -10.67
C ASP B 386 3.74 -39.24 -10.02
N PRO B 387 4.12 -39.08 -8.73
CA PRO B 387 4.96 -40.12 -8.13
C PRO B 387 4.26 -41.48 -8.02
N ALA B 388 2.93 -41.51 -8.06
CA ALA B 388 2.21 -42.78 -8.12
C ALA B 388 2.30 -43.42 -9.52
N GLY B 389 2.68 -42.63 -10.51
CA GLY B 389 2.83 -43.12 -11.89
C GLY B 389 1.52 -43.39 -12.61
N LEU B 390 0.43 -42.74 -12.17
CA LEU B 390 -0.90 -42.97 -12.78
C LEU B 390 -1.47 -41.77 -13.54
N ASN B 391 -1.19 -40.56 -13.08
CA ASN B 391 -1.81 -39.37 -13.67
C ASN B 391 -0.79 -38.28 -13.97
N THR B 392 0.33 -38.71 -14.52
CA THR B 392 1.36 -37.79 -14.98
C THR B 392 0.80 -36.95 -16.12
N TYR B 393 1.06 -35.65 -16.11
CA TYR B 393 0.65 -34.79 -17.20
C TYR B 393 1.82 -34.66 -18.16
N GLU B 394 1.64 -35.16 -19.38
CA GLU B 394 2.73 -35.32 -20.33
C GLU B 394 3.19 -33.98 -20.92
N LYS B 395 2.30 -33.00 -20.94
CA LYS B 395 2.61 -31.69 -21.53
C LYS B 395 3.12 -30.69 -20.49
N ASN B 396 3.64 -29.58 -20.99
CA ASN B 396 4.13 -28.50 -20.15
C ASN B 396 3.00 -27.61 -19.69
N LEU B 397 3.10 -27.14 -18.45
CA LEU B 397 2.19 -26.11 -17.98
C LEU B 397 2.61 -24.79 -18.63
N SER B 398 1.87 -23.73 -18.38
CA SER B 398 2.22 -22.41 -18.87
C SER B 398 3.68 -22.04 -18.58
N ALA B 399 4.26 -21.21 -19.43
CA ALA B 399 5.60 -20.69 -19.22
C ALA B 399 5.59 -19.30 -18.58
N ILE B 400 4.45 -18.89 -18.01
CA ILE B 400 4.32 -17.57 -17.41
C ILE B 400 5.25 -17.43 -16.19
N THR B 401 6.03 -16.35 -16.17
CA THR B 401 7.00 -16.06 -15.11
C THR B 401 6.46 -14.98 -14.18
N VAL B 402 7.14 -14.77 -13.05
CA VAL B 402 6.68 -13.85 -12.02
C VAL B 402 6.93 -12.38 -12.34
N LYS B 403 8.15 -12.04 -12.76
CA LYS B 403 8.55 -10.63 -12.82
C LYS B 403 7.66 -9.81 -13.74
N TRP B 404 7.22 -8.66 -13.26
CA TRP B 404 6.39 -7.76 -14.06
C TRP B 404 7.17 -7.25 -15.28
N ASN B 405 6.53 -7.32 -16.45
CA ASN B 405 7.09 -6.81 -17.69
C ASN B 405 6.08 -5.83 -18.32
N GLU B 406 6.43 -4.55 -18.31
CA GLU B 406 5.53 -3.50 -18.77
C GLU B 406 5.29 -3.57 -20.28
N GLY B 407 6.24 -4.11 -21.02
CA GLY B 407 6.12 -4.23 -22.48
C GLY B 407 5.43 -5.49 -22.94
N ALA B 408 5.06 -6.36 -22.00
CA ALA B 408 4.41 -7.61 -22.36
C ALA B 408 3.05 -7.36 -23.02
N SER B 409 2.57 -8.36 -23.74
CA SER B 409 1.27 -8.28 -24.37
C SER B 409 0.19 -8.27 -23.30
N LYS B 410 -0.99 -7.84 -23.70
CA LYS B 410 -2.18 -7.84 -22.83
C LYS B 410 -2.46 -9.23 -22.28
N GLU B 411 -2.44 -10.22 -23.16
CA GLU B 411 -2.72 -11.60 -22.79
C GLU B 411 -1.76 -12.09 -21.70
N GLU B 412 -0.47 -11.80 -21.88
CA GLU B 412 0.55 -12.17 -20.89
C GLU B 412 0.38 -11.40 -19.59
N LYS B 413 0.06 -10.12 -19.68
CA LYS B 413 -0.19 -9.33 -18.47
C LYS B 413 -1.36 -9.90 -17.67
N GLN B 414 -2.46 -10.23 -18.36
CA GLN B 414 -3.63 -10.82 -17.69
C GLN B 414 -3.30 -12.16 -17.07
N GLU B 415 -2.59 -13.02 -17.80
CA GLU B 415 -2.19 -14.30 -17.24
C GLU B 415 -1.32 -14.09 -16.01
N ARG B 416 -0.42 -13.12 -16.08
CA ARG B 416 0.51 -12.85 -14.98
C ARG B 416 -0.27 -12.41 -13.73
N ILE B 417 -1.19 -11.48 -13.93
CA ILE B 417 -1.99 -10.96 -12.82
C ILE B 417 -2.84 -12.08 -12.20
N ILE B 418 -3.61 -12.77 -13.04
CA ILE B 418 -4.53 -13.79 -12.54
C ILE B 418 -3.78 -14.94 -11.87
N THR B 419 -2.63 -15.32 -12.40
CA THR B 419 -1.86 -16.42 -11.81
C THR B 419 -1.42 -16.08 -10.38
N GLN B 420 -0.94 -14.87 -10.16
CA GLN B 420 -0.49 -14.46 -8.83
C GLN B 420 -1.67 -14.18 -7.91
N LYS B 421 -2.74 -13.64 -8.47
CA LYS B 421 -3.98 -13.44 -7.73
C LYS B 421 -4.49 -14.78 -7.22
N TRP B 422 -4.45 -15.77 -8.11
CA TRP B 422 -4.88 -17.13 -7.81
C TRP B 422 -4.08 -17.77 -6.67
N ILE B 423 -2.76 -17.73 -6.78
CA ILE B 423 -1.91 -18.22 -5.70
C ILE B 423 -2.24 -17.50 -4.39
N ALA B 424 -2.41 -16.18 -4.46
CA ALA B 424 -2.66 -15.38 -3.28
C ALA B 424 -4.07 -15.58 -2.69
N ASN B 425 -4.98 -16.18 -3.46
CA ASN B 425 -6.36 -16.39 -3.01
C ASN B 425 -6.66 -17.76 -2.41
N TRP B 426 -5.62 -18.59 -2.24
CA TRP B 426 -5.73 -19.81 -1.45
C TRP B 426 -6.41 -19.53 -0.10
N PRO B 427 -7.49 -20.26 0.22
CA PRO B 427 -8.18 -21.30 -0.53
C PRO B 427 -9.59 -20.90 -1.01
N LEU B 428 -9.74 -19.73 -1.62
CA LEU B 428 -11.06 -19.24 -2.08
C LEU B 428 -11.43 -19.85 -3.42
N GLY B 429 -11.76 -21.14 -3.38
CA GLY B 429 -11.98 -21.90 -4.60
C GLY B 429 -13.07 -21.35 -5.50
N ASN B 430 -14.17 -20.88 -4.91
CA ASN B 430 -15.28 -20.36 -5.71
C ASN B 430 -14.86 -19.12 -6.49
N GLU B 431 -14.06 -18.26 -5.87
CA GLU B 431 -13.55 -17.07 -6.54
C GLU B 431 -12.58 -17.43 -7.65
N ALA B 432 -11.69 -18.39 -7.38
CA ALA B 432 -10.72 -18.88 -8.37
C ALA B 432 -11.43 -19.47 -9.57
N TRP B 433 -12.51 -20.21 -9.29
CA TRP B 433 -13.35 -20.82 -10.33
C TRP B 433 -14.00 -19.77 -11.22
N ALA B 434 -14.51 -18.71 -10.62
CA ALA B 434 -15.09 -17.60 -11.37
C ALA B 434 -14.04 -16.94 -12.27
N ASP B 435 -12.89 -16.62 -11.71
CA ASP B 435 -11.78 -16.04 -12.48
C ASP B 435 -11.30 -16.95 -13.61
N TYR B 436 -11.22 -18.25 -13.34
CA TYR B 436 -10.85 -19.20 -14.40
C TYR B 436 -11.85 -19.19 -15.55
N ARG B 437 -13.13 -19.13 -15.22
CA ARG B 437 -14.19 -19.12 -16.25
C ARG B 437 -14.25 -17.80 -17.04
N ARG B 438 -14.03 -16.68 -16.35
CA ARG B 438 -13.99 -15.37 -17.02
C ARG B 438 -12.76 -15.19 -17.91
N THR B 439 -11.60 -15.63 -17.43
CA THR B 439 -10.31 -15.29 -18.08
C THR B 439 -9.60 -16.43 -18.77
N GLY B 440 -9.84 -17.66 -18.32
CA GLY B 440 -9.07 -18.81 -18.79
C GLY B 440 -7.75 -18.99 -18.04
N TYR B 441 -7.55 -18.21 -16.98
CA TYR B 441 -6.31 -18.26 -16.22
C TYR B 441 -6.58 -18.60 -14.75
N PRO B 442 -5.61 -19.26 -14.09
CA PRO B 442 -4.40 -19.80 -14.68
C PRO B 442 -4.72 -21.00 -15.56
N LYS B 443 -3.72 -21.47 -16.30
CA LYS B 443 -3.89 -22.58 -17.23
C LYS B 443 -3.94 -23.89 -16.41
N LEU B 444 -5.12 -24.20 -15.92
CA LEU B 444 -5.32 -25.38 -15.08
C LEU B 444 -5.18 -26.66 -15.89
N LEU B 445 -4.76 -27.72 -15.22
CA LEU B 445 -4.64 -29.03 -15.86
C LEU B 445 -6.02 -29.53 -16.27
N PRO B 446 -6.09 -30.32 -17.34
CA PRO B 446 -7.36 -30.90 -17.75
C PRO B 446 -7.70 -32.15 -16.92
N ALA B 447 -8.97 -32.51 -16.87
CA ALA B 447 -9.37 -33.82 -16.36
C ALA B 447 -8.71 -34.89 -17.22
N THR B 448 -8.53 -36.09 -16.65
CA THR B 448 -8.01 -37.22 -17.42
C THR B 448 -9.13 -37.87 -18.21
N SER B 449 -8.75 -38.72 -19.17
CA SER B 449 -9.71 -39.44 -19.97
C SER B 449 -10.62 -40.33 -19.12
N GLU B 450 -10.02 -41.09 -18.21
CA GLU B 450 -10.77 -41.94 -17.28
C GLU B 450 -11.53 -41.13 -16.23
N GLY B 451 -11.00 -39.97 -15.87
CA GLY B 451 -11.60 -39.13 -14.82
C GLY B 451 -12.78 -38.29 -15.27
N ASN B 452 -12.91 -38.05 -16.58
CA ASN B 452 -14.07 -37.32 -17.10
C ASN B 452 -15.24 -38.29 -17.28
N LEU B 453 -16.14 -38.29 -16.31
CA LEU B 453 -17.31 -39.18 -16.33
C LEU B 453 -18.58 -38.43 -16.75
N SER B 454 -18.44 -37.42 -17.62
CA SER B 454 -19.56 -36.60 -18.07
C SER B 454 -20.33 -37.21 -19.24
N GLY B 455 -19.88 -38.35 -19.74
CA GLY B 455 -20.49 -38.94 -20.92
C GLY B 455 -20.34 -38.06 -22.15
N GLY B 456 -19.30 -37.22 -22.17
CA GLY B 456 -19.02 -36.34 -23.30
C GLY B 456 -19.51 -34.91 -23.18
N ILE B 457 -20.27 -34.60 -22.14
CA ILE B 457 -20.87 -33.28 -21.97
C ILE B 457 -19.85 -32.20 -21.58
N VAL B 458 -18.92 -32.56 -20.70
CA VAL B 458 -17.92 -31.61 -20.20
C VAL B 458 -16.60 -31.77 -20.98
N ASP B 459 -16.06 -30.65 -21.44
CA ASP B 459 -14.77 -30.64 -22.12
C ASP B 459 -13.67 -30.67 -21.05
N SER B 460 -12.82 -31.69 -21.10
CA SER B 460 -11.79 -31.89 -20.07
C SER B 460 -10.87 -30.69 -19.91
N GLU B 461 -10.68 -29.93 -20.99
CA GLU B 461 -9.78 -28.77 -21.00
C GLU B 461 -10.45 -27.53 -20.42
N LYS B 462 -11.77 -27.51 -20.39
CA LYS B 462 -12.52 -26.35 -19.90
C LYS B 462 -13.14 -26.58 -18.52
N GLY B 463 -13.43 -27.84 -18.20
CA GLY B 463 -14.02 -28.19 -16.91
C GLY B 463 -15.48 -27.73 -16.77
N ALA B 464 -15.97 -27.85 -15.55
CA ALA B 464 -17.36 -27.50 -15.24
C ALA B 464 -17.53 -25.99 -15.28
N ARG B 465 -18.54 -25.55 -16.01
CA ARG B 465 -18.80 -24.13 -16.25
C ARG B 465 -19.89 -23.58 -15.33
N ARG B 466 -20.66 -24.48 -14.74
CA ARG B 466 -21.74 -24.14 -13.82
C ARG B 466 -22.27 -25.42 -13.20
N MSE B 467 -23.11 -25.27 -12.18
CA MSE B 467 -23.80 -26.42 -11.61
C MSE B 467 -25.16 -26.48 -12.26
O MSE B 467 -25.74 -25.44 -12.60
CB MSE B 467 -23.98 -26.23 -10.10
CG MSE B 467 -22.67 -26.25 -9.31
SE MSE B 467 -21.75 -28.01 -9.42
CE MSE B 467 -20.41 -27.55 -10.79
N PRO B 468 -25.69 -27.70 -12.45
CA PRO B 468 -27.07 -27.82 -12.94
C PRO B 468 -28.06 -27.43 -11.86
N TYR B 469 -29.25 -26.98 -12.25
CA TYR B 469 -30.27 -26.60 -11.29
C TYR B 469 -30.74 -27.81 -10.45
N PRO B 470 -31.15 -27.56 -9.20
CA PRO B 470 -31.67 -28.65 -8.35
C PRO B 470 -32.90 -29.35 -8.94
N SER B 471 -32.96 -30.67 -8.78
CA SER B 471 -34.13 -31.44 -9.23
CA SER B 471 -34.12 -31.47 -9.20
C SER B 471 -35.36 -30.98 -8.45
N GLU B 472 -35.15 -30.58 -7.20
CA GLU B 472 -36.24 -30.05 -6.37
C GLU B 472 -37.01 -28.91 -7.05
N GLU B 473 -36.31 -28.10 -7.84
CA GLU B 473 -36.94 -26.97 -8.52
C GLU B 473 -37.81 -27.40 -9.70
N TYR B 474 -37.42 -28.46 -10.40
CA TYR B 474 -38.25 -29.02 -11.46
C TYR B 474 -39.54 -29.63 -10.90
N THR B 475 -39.47 -30.12 -9.66
CA THR B 475 -40.62 -30.70 -8.97
C THR B 475 -41.57 -29.62 -8.45
N SER B 476 -41.04 -28.65 -7.72
CA SER B 476 -41.87 -27.71 -6.95
C SER B 476 -41.98 -26.31 -7.55
N ASN B 477 -41.20 -26.01 -8.59
CA ASN B 477 -41.17 -24.68 -9.20
C ASN B 477 -40.98 -24.79 -10.71
N THR B 478 -41.72 -25.73 -11.30
CA THR B 478 -41.47 -26.22 -12.65
C THR B 478 -41.48 -25.12 -13.71
N GLU B 479 -42.55 -24.33 -13.75
CA GLU B 479 -42.70 -23.28 -14.76
C GLU B 479 -41.55 -22.26 -14.70
N ASN B 480 -41.15 -21.89 -13.49
CA ASN B 480 -40.13 -20.85 -13.31
C ASN B 480 -38.72 -21.30 -13.66
N VAL B 481 -38.33 -22.49 -13.22
CA VAL B 481 -37.01 -23.00 -13.56
C VAL B 481 -36.91 -23.29 -15.08
N GLN B 482 -38.00 -23.76 -15.68
CA GLN B 482 -38.06 -23.95 -17.13
C GLN B 482 -37.92 -22.63 -17.89
N GLU B 483 -38.52 -21.56 -17.38
CA GLU B 483 -38.33 -20.23 -17.96
C GLU B 483 -36.85 -19.83 -17.91
N ALA B 484 -36.23 -19.99 -16.74
CA ALA B 484 -34.82 -19.68 -16.61
C ALA B 484 -33.98 -20.43 -17.65
N VAL B 485 -34.23 -21.73 -17.79
CA VAL B 485 -33.47 -22.53 -18.75
C VAL B 485 -33.76 -22.13 -20.21
N ASN B 486 -35.03 -21.98 -20.56
CA ASN B 486 -35.41 -21.66 -21.95
C ASN B 486 -35.13 -20.22 -22.37
N SER B 487 -35.27 -19.27 -21.44
CA SER B 487 -35.15 -17.85 -21.78
C SER B 487 -33.84 -17.20 -21.36
N TYR B 488 -33.33 -17.59 -20.20
CA TYR B 488 -32.20 -16.87 -19.60
C TYR B 488 -30.84 -17.58 -19.69
N LEU B 489 -30.84 -18.91 -19.71
CA LEU B 489 -29.59 -19.66 -19.59
C LEU B 489 -28.77 -19.70 -20.89
N GLY B 490 -29.46 -19.64 -22.03
CA GLY B 490 -28.79 -19.66 -23.34
C GLY B 490 -28.04 -20.96 -23.61
N GLY B 491 -28.56 -22.05 -23.08
CA GLY B 491 -27.97 -23.36 -23.29
C GLY B 491 -28.66 -24.38 -22.39
N PRO B 492 -28.34 -25.66 -22.56
CA PRO B 492 -28.95 -26.70 -21.74
C PRO B 492 -28.56 -26.59 -20.26
N ASP B 493 -29.41 -27.10 -19.37
CA ASP B 493 -29.18 -27.08 -17.93
C ASP B 493 -28.21 -28.21 -17.57
N ASN B 494 -26.93 -27.98 -17.84
CA ASN B 494 -25.88 -28.94 -17.50
C ASN B 494 -24.58 -28.19 -17.17
N MSE B 495 -23.50 -28.93 -16.95
CA MSE B 495 -22.23 -28.33 -16.53
C MSE B 495 -21.40 -27.74 -17.64
O MSE B 495 -20.36 -27.15 -17.39
CB MSE B 495 -21.39 -29.38 -15.80
CG MSE B 495 -21.97 -29.79 -14.46
SE MSE B 495 -20.62 -30.92 -13.57
CE MSE B 495 -21.64 -31.53 -11.99
N ALA B 496 -21.86 -27.90 -18.90
CA ALA B 496 -21.12 -27.37 -20.04
C ALA B 496 -21.51 -25.94 -20.42
N THR B 497 -22.71 -25.51 -20.01
CA THR B 497 -23.24 -24.21 -20.41
C THR B 497 -22.64 -23.12 -19.53
N ASP B 498 -22.12 -22.07 -20.17
CA ASP B 498 -21.48 -20.97 -19.44
C ASP B 498 -22.51 -20.02 -18.87
N VAL B 499 -22.16 -19.39 -17.75
CA VAL B 499 -22.99 -18.33 -17.18
C VAL B 499 -22.77 -17.03 -17.95
N TRP B 500 -23.71 -16.12 -17.78
CA TRP B 500 -23.75 -14.87 -18.55
C TRP B 500 -22.41 -14.14 -18.60
N TRP B 501 -21.77 -13.91 -17.47
CA TRP B 501 -20.51 -13.14 -17.49
C TRP B 501 -19.34 -13.95 -18.05
N ALA B 502 -19.53 -15.24 -18.24
CA ALA B 502 -18.49 -16.09 -18.81
C ALA B 502 -18.70 -16.40 -20.30
N ARG B 503 -19.81 -15.95 -20.88
CA ARG B 503 -20.13 -16.30 -22.29
C ARG B 503 -19.20 -15.61 -23.27
N LYS B 504 -18.64 -16.37 -24.20
CA LYS B 504 -17.71 -15.80 -25.21
C LYS B 504 -18.45 -15.42 -26.48
ZN ZN C . 2.56 40.43 -5.67
ZN ZN D . -7.51 -0.45 8.39
ZN ZN E . 5.98 1.97 -9.82
C ACT F . -5.42 -1.18 10.47
O ACT F . -6.61 -0.89 10.23
OXT ACT F . -4.59 -1.35 9.54
CH3 ACT F . -4.97 -1.33 11.89
C ACT G . -9.57 1.00 9.06
O ACT G . -9.17 0.21 9.93
OXT ACT G . -9.16 0.88 7.90
CH3 ACT G . -10.52 2.09 9.43
C ACT H . 5.55 3.01 -12.23
O ACT H . 4.72 2.94 -11.33
OXT ACT H . 6.55 2.28 -12.21
CH3 ACT H . 5.36 4.01 -13.34
ZN ZN I . -35.52 -25.69 2.91
ZN ZN J . -3.43 3.01 -1.93
ZN ZN K . -29.68 -1.42 23.41
C ACT L . 7.41 -0.48 -9.78
O ACT L . 7.44 0.41 -10.67
OXT ACT L . 6.81 -0.31 -8.69
CH3 ACT L . 8.14 -1.76 -10.00
#